data_5M2N
#
_entry.id   5M2N
#
_cell.length_a   79.690
_cell.length_b   79.690
_cell.length_c   532.150
_cell.angle_alpha   90.00
_cell.angle_beta   90.00
_cell.angle_gamma   120.00
#
_symmetry.space_group_name_H-M   'P 61 2 2'
#
loop_
_entity.id
_entity.type
_entity.pdbx_description
1 polymer 'Elongator complex protein 2'
2 water water
#
_entity_poly.entity_id   1
_entity_poly.type   'polypeptide(L)'
_entity_poly.pdbx_seq_one_letter_code
;(MSE)VECITPEAIFIGANKQTQVSDIHKVKKIVAFGAGKTIALWDPIEPNNKGVYATLKGHEAEVTCVRFVPDSDF
(MSE)VSASEDHHVKIWKFTDYSHLQCIQTIQHYSKTIVALSALPSLISVGCADGTISIWRQNIQNDEFGLAHEFTIKKG
FFYPLCLSLSKVEEKKYLLAIGGTNVNVFIASFILSDSGIEKCRVVAELEGHEDWVKSLAFRHQETPGDYLLCSGSQDRY
IRLWRIRINDLIDDSEEDSKKLTLLSNKQYKFQIDDELRVGINFEALI(MSE)GHDDWISSLQWHESRLQLLAATADTSL
(MSE)VWEPDETSGIWVCSLRLGE(MSE)SSKGASTATGSSGGFWSCLWFTHER(MSE)DFFLTNGKTGSWR(MSE)WAT
KDNIICDQRLGISGATKDVTDIAWSPSGEYLLATSLDQTTRLFAPWIYDASGRKREIATWHEFSRPQIHGYD(MSE)ICV
ETVTDTRFVSGGDEKILRSFDLPKGVAG(MSE)LQKFVGIQFEEKSE(MSE)PDSATVPVLGLSNKAGEDDANEDDEEEE
GGNKETPDITDPLSLLECPP(MSE)EDQLQRHLLWPEVEKLYGHGFEITCLDISPDQKLIASACRSNNVQNAVIRIFSTE
NWLEIKPALPFHSLTITRLKFSKDGKFLLSVCRDRKWALWERN(MSE)EDNTFELRFKNEKPHTRIIWDADWAPLEFGNV
FVTASRDKTVKVWRHQKEPADDYVLEASIKHTKAVTAISIHDS(MSE)IREKILISVGLENGEIYLYSYTLGKFELITQL
NEDITPADKITRLRWSHLKRNGKLFLGVGSSDLSTRIYSLAYE
;
_entity_poly.pdbx_strand_id   A
#
# COMPACT_ATOMS: atom_id res chain seq x y z
N GLU A 3 9.62 14.81 21.11
CA GLU A 3 8.59 15.78 21.45
C GLU A 3 7.36 15.59 20.56
N CYS A 4 7.37 16.19 19.38
CA CYS A 4 6.26 16.12 18.44
C CYS A 4 6.59 15.14 17.32
N ILE A 5 5.60 14.35 16.93
CA ILE A 5 5.75 13.34 15.89
C ILE A 5 4.72 13.60 14.80
N THR A 6 5.15 13.54 13.55
CA THR A 6 4.27 13.75 12.41
C THR A 6 4.42 12.56 11.46
N PRO A 7 3.30 12.00 10.96
CA PRO A 7 3.42 11.03 9.87
C PRO A 7 3.61 11.73 8.55
N GLU A 8 4.88 11.86 8.13
CA GLU A 8 5.18 12.68 6.95
C GLU A 8 4.62 12.05 5.68
N ALA A 9 4.86 10.75 5.46
CA ALA A 9 4.48 10.13 4.21
C ALA A 9 4.14 8.66 4.42
N ILE A 10 3.19 8.19 3.62
CA ILE A 10 2.80 6.79 3.60
C ILE A 10 2.76 6.33 2.14
N PHE A 11 3.62 5.40 1.79
CA PHE A 11 3.67 4.82 0.44
C PHE A 11 3.16 3.39 0.53
N ILE A 12 1.97 3.15 -0.02
CA ILE A 12 1.36 1.82 -0.02
C ILE A 12 0.59 1.63 -1.31
N GLY A 13 0.74 0.44 -1.91
CA GLY A 13 0.11 0.18 -3.18
C GLY A 13 -1.34 -0.26 -3.04
N ALA A 14 -2.09 -0.08 -4.12
CA ALA A 14 -3.51 -0.39 -4.13
C ALA A 14 -3.74 -1.85 -4.45
N ASN A 15 -4.64 -2.48 -3.70
CA ASN A 15 -4.98 -3.87 -3.95
C ASN A 15 -5.57 -4.02 -5.35
N LYS A 16 -5.42 -5.21 -5.91
CA LYS A 16 -5.82 -5.47 -7.29
C LYS A 16 -7.15 -6.23 -7.33
N GLN A 17 -8.20 -5.53 -6.89
CA GLN A 17 -9.57 -5.97 -7.06
C GLN A 17 -10.35 -4.84 -7.71
N THR A 18 -11.49 -5.20 -8.30
CA THR A 18 -12.27 -4.24 -9.07
C THR A 18 -13.18 -3.36 -8.22
N GLN A 19 -13.32 -3.67 -6.93
CA GLN A 19 -14.26 -2.95 -6.06
C GLN A 19 -13.55 -2.28 -4.88
N VAL A 20 -12.22 -2.12 -4.96
CA VAL A 20 -11.48 -1.68 -3.79
C VAL A 20 -11.59 -0.19 -3.51
N SER A 21 -11.95 0.62 -4.50
CA SER A 21 -11.81 2.06 -4.40
C SER A 21 -13.17 2.75 -4.49
N ASP A 22 -13.24 3.94 -3.91
CA ASP A 22 -14.40 4.81 -4.01
C ASP A 22 -13.94 6.22 -3.64
N ILE A 23 -14.79 7.20 -3.93
CA ILE A 23 -14.45 8.60 -3.68
C ILE A 23 -15.67 9.30 -3.10
N HIS A 24 -15.45 10.06 -2.02
CA HIS A 24 -16.51 10.85 -1.39
C HIS A 24 -16.98 11.93 -2.36
N LYS A 25 -18.29 11.99 -2.59
CA LYS A 25 -18.82 12.93 -3.58
C LYS A 25 -18.61 14.37 -3.15
N VAL A 26 -18.75 14.66 -1.84
CA VAL A 26 -18.61 16.03 -1.36
C VAL A 26 -17.13 16.36 -1.13
N LYS A 27 -16.42 15.48 -0.44
CA LYS A 27 -15.06 15.77 0.03
C LYS A 27 -13.99 15.41 -0.99
N LYS A 28 -14.34 14.62 -2.00
CA LYS A 28 -13.38 14.19 -3.02
C LYS A 28 -12.22 13.39 -2.42
N ILE A 29 -12.48 12.68 -1.32
CA ILE A 29 -11.47 11.86 -0.68
C ILE A 29 -11.52 10.46 -1.27
N VAL A 30 -10.37 9.97 -1.73
CA VAL A 30 -10.26 8.62 -2.29
C VAL A 30 -9.94 7.64 -1.18
N ALA A 31 -10.75 6.60 -1.06
CA ALA A 31 -10.51 5.50 -0.14
C ALA A 31 -10.38 4.21 -0.94
N PHE A 32 -9.30 3.48 -0.73
CA PHE A 32 -9.04 2.26 -1.47
C PHE A 32 -8.38 1.23 -0.57
N GLY A 33 -8.69 -0.04 -0.84
CA GLY A 33 -8.08 -1.12 -0.09
C GLY A 33 -6.59 -1.23 -0.39
N ALA A 34 -5.78 -1.28 0.67
CA ALA A 34 -4.33 -1.37 0.54
C ALA A 34 -3.85 -2.36 1.61
N GLY A 35 -3.61 -3.61 1.20
CA GLY A 35 -3.30 -4.64 2.16
C GLY A 35 -4.48 -4.89 3.08
N LYS A 36 -4.19 -4.99 4.38
CA LYS A 36 -5.23 -5.13 5.39
C LYS A 36 -5.87 -3.80 5.78
N THR A 37 -5.44 -2.70 5.17
CA THR A 37 -5.87 -1.37 5.57
C THR A 37 -6.70 -0.72 4.49
N ILE A 38 -7.29 0.41 4.84
CA ILE A 38 -8.02 1.27 3.91
C ILE A 38 -7.27 2.58 3.86
N ALA A 39 -6.59 2.84 2.75
CA ALA A 39 -5.80 4.06 2.61
C ALA A 39 -6.68 5.22 2.18
N LEU A 40 -6.38 6.40 2.73
CA LEU A 40 -7.09 7.62 2.39
C LEU A 40 -6.16 8.56 1.64
N TRP A 41 -6.65 9.11 0.53
CA TRP A 41 -5.86 9.96 -0.34
C TRP A 41 -6.67 11.20 -0.67
N ASP A 42 -6.06 12.38 -0.49
CA ASP A 42 -6.67 13.62 -0.96
C ASP A 42 -6.15 13.91 -2.35
N PRO A 43 -6.87 13.54 -3.40
CA PRO A 43 -6.32 13.65 -4.76
C PRO A 43 -5.98 15.07 -5.20
N ILE A 44 -6.48 16.10 -4.52
CA ILE A 44 -6.30 17.46 -4.99
C ILE A 44 -5.79 18.35 -3.86
N GLU A 45 -5.07 17.76 -2.91
CA GLU A 45 -4.48 18.55 -1.85
C GLU A 45 -3.52 19.58 -2.46
N PRO A 46 -3.50 20.82 -1.96
CA PRO A 46 -2.70 21.86 -2.63
C PRO A 46 -1.23 21.52 -2.74
N ASN A 47 -0.66 20.79 -1.78
CA ASN A 47 0.76 20.45 -1.78
C ASN A 47 1.05 19.07 -2.33
N ASN A 48 0.06 18.42 -2.96
CA ASN A 48 0.24 17.11 -3.60
C ASN A 48 0.57 16.01 -2.59
N LYS A 49 0.12 16.15 -1.35
CA LYS A 49 0.25 15.08 -0.39
C LYS A 49 -0.38 13.80 -0.93
N GLY A 50 0.32 12.68 -0.75
CA GLY A 50 -0.21 11.39 -1.15
C GLY A 50 -1.10 10.79 -0.08
N VAL A 51 -1.03 9.47 0.12
CA VAL A 51 -1.80 8.83 1.18
C VAL A 51 -1.43 9.47 2.50
N TYR A 52 -2.45 9.90 3.26
CA TYR A 52 -2.24 10.56 4.53
C TYR A 52 -2.67 9.72 5.74
N ALA A 53 -3.42 8.65 5.54
CA ALA A 53 -3.80 7.78 6.64
C ALA A 53 -4.19 6.41 6.11
N THR A 54 -4.06 5.40 6.96
CA THR A 54 -4.46 4.04 6.64
C THR A 54 -5.33 3.53 7.78
N LEU A 55 -6.57 3.19 7.46
CA LEU A 55 -7.52 2.71 8.47
C LEU A 55 -7.28 1.23 8.74
N LYS A 56 -6.95 0.91 9.98
CA LYS A 56 -6.63 -0.46 10.38
C LYS A 56 -7.81 -1.10 11.09
N GLY A 57 -7.84 -2.43 11.05
CA GLY A 57 -8.92 -3.19 11.66
C GLY A 57 -9.09 -4.55 11.03
N HIS A 58 -9.20 -4.59 9.71
CA HIS A 58 -9.32 -5.86 9.01
C HIS A 58 -8.05 -6.68 9.18
N GLU A 59 -8.23 -8.00 9.22
CA GLU A 59 -7.12 -8.93 9.46
C GLU A 59 -6.64 -9.61 8.18
N ALA A 60 -7.22 -9.28 7.03
CA ALA A 60 -6.79 -9.83 5.75
C ALA A 60 -7.03 -8.77 4.68
N GLU A 61 -6.68 -9.12 3.44
CA GLU A 61 -6.70 -8.16 2.35
C GLU A 61 -8.07 -7.52 2.19
N VAL A 62 -8.12 -6.19 2.18
CA VAL A 62 -9.36 -5.47 1.95
C VAL A 62 -9.76 -5.64 0.50
N THR A 63 -11.05 -5.90 0.28
CA THR A 63 -11.56 -6.27 -1.04
C THR A 63 -12.58 -5.29 -1.61
N CYS A 64 -13.39 -4.67 -0.76
CA CYS A 64 -14.40 -3.71 -1.21
C CYS A 64 -14.37 -2.48 -0.33
N VAL A 65 -14.62 -1.32 -0.93
CA VAL A 65 -14.75 -0.06 -0.19
C VAL A 65 -15.81 0.77 -0.89
N ARG A 66 -16.79 1.25 -0.12
CA ARG A 66 -17.86 2.08 -0.67
C ARG A 66 -18.29 3.11 0.36
N PHE A 67 -18.45 4.36 -0.08
CA PHE A 67 -18.99 5.41 0.78
C PHE A 67 -20.51 5.34 0.76
N VAL A 68 -21.11 5.42 1.95
CA VAL A 68 -22.57 5.50 2.04
C VAL A 68 -22.99 6.88 1.54
N PRO A 69 -23.70 6.97 0.42
CA PRO A 69 -24.04 8.29 -0.13
C PRO A 69 -24.77 9.16 0.88
N ASP A 70 -24.51 10.47 0.80
CA ASP A 70 -25.20 11.47 1.61
C ASP A 70 -25.22 11.09 3.08
N SER A 71 -24.02 10.87 3.63
CA SER A 71 -23.88 10.48 5.02
C SER A 71 -22.40 10.58 5.39
N ASP A 72 -22.09 10.23 6.64
CA ASP A 72 -20.73 10.20 7.15
C ASP A 72 -20.24 8.77 7.36
N PHE A 73 -20.79 7.81 6.62
CA PHE A 73 -20.49 6.41 6.82
C PHE A 73 -19.73 5.84 5.63
N MSE A 74 -18.97 4.78 5.89
CA MSE A 74 -18.22 4.08 4.87
C MSE A 74 -18.25 2.60 5.19
O MSE A 74 -18.10 2.21 6.35
CB MSE A 74 -16.79 4.59 4.79
CG MSE A 74 -15.98 4.03 3.62
SE MSE A 74 -14.07 4.36 3.80
CE MSE A 74 -13.68 3.12 5.26
H MSE A 74 -18.87 4.45 6.68
HA MSE A 74 -18.65 4.23 4.00
HB2 MSE A 74 -16.80 5.56 4.70
HB3 MSE A 74 -16.32 4.35 5.60
HG2 MSE A 74 -16.13 3.08 3.57
HG3 MSE A 74 -16.29 4.45 2.80
HE1 MSE A 74 -12.74 3.17 5.47
HE2 MSE A 74 -14.22 3.38 6.03
HE3 MSE A 74 -13.92 2.22 4.98
N VAL A 75 -18.43 1.77 4.16
CA VAL A 75 -18.47 0.32 4.31
C VAL A 75 -17.24 -0.27 3.65
N SER A 76 -16.67 -1.29 4.29
CA SER A 76 -15.52 -1.98 3.74
C SER A 76 -15.69 -3.48 3.91
N ALA A 77 -14.93 -4.24 3.12
CA ALA A 77 -14.98 -5.69 3.14
C ALA A 77 -13.57 -6.24 3.00
N SER A 78 -13.39 -7.50 3.41
CA SER A 78 -12.06 -8.09 3.46
C SER A 78 -12.16 -9.60 3.29
N GLU A 79 -11.00 -10.21 3.00
CA GLU A 79 -10.87 -11.66 2.97
C GLU A 79 -10.94 -12.29 4.35
N ASP A 80 -11.01 -11.48 5.41
CA ASP A 80 -11.25 -12.02 6.74
C ASP A 80 -12.71 -12.39 6.97
N HIS A 81 -13.56 -12.27 5.95
CA HIS A 81 -14.97 -12.62 5.98
C HIS A 81 -15.80 -11.53 6.66
N HIS A 82 -15.19 -10.42 7.08
CA HIS A 82 -15.87 -9.41 7.86
C HIS A 82 -16.27 -8.21 6.99
N VAL A 83 -17.33 -7.52 7.44
CA VAL A 83 -17.73 -6.24 6.88
C VAL A 83 -17.70 -5.23 8.02
N LYS A 84 -17.10 -4.08 7.77
CA LYS A 84 -16.90 -3.05 8.79
C LYS A 84 -17.62 -1.78 8.38
N ILE A 85 -18.21 -1.11 9.37
CA ILE A 85 -18.88 0.17 9.19
C ILE A 85 -18.01 1.24 9.85
N TRP A 86 -17.64 2.26 9.07
CA TRP A 86 -16.82 3.36 9.56
C TRP A 86 -17.65 4.64 9.57
N LYS A 87 -17.32 5.54 10.49
CA LYS A 87 -17.99 6.82 10.61
C LYS A 87 -16.95 7.92 10.78
N PHE A 88 -17.18 9.05 10.13
CA PHE A 88 -16.23 10.16 10.22
C PHE A 88 -16.19 10.71 11.64
N THR A 89 -14.98 10.92 12.15
CA THR A 89 -14.77 11.58 13.43
C THR A 89 -14.43 13.05 13.26
N ASP A 90 -13.63 13.39 12.25
CA ASP A 90 -13.43 14.77 11.83
C ASP A 90 -13.67 14.80 10.33
N TYR A 91 -13.21 15.86 9.67
CA TYR A 91 -13.50 16.03 8.25
C TYR A 91 -12.80 14.99 7.38
N SER A 92 -11.70 14.41 7.85
CA SER A 92 -10.85 13.58 6.99
C SER A 92 -10.64 12.17 7.50
N HIS A 93 -10.92 11.88 8.76
CA HIS A 93 -10.63 10.58 9.34
C HIS A 93 -11.92 9.91 9.80
N LEU A 94 -11.88 8.58 9.85
CA LEU A 94 -13.01 7.77 10.29
C LEU A 94 -12.53 6.78 11.34
N GLN A 95 -13.48 6.06 11.93
CA GLN A 95 -13.19 5.01 12.88
C GLN A 95 -14.26 3.94 12.75
N CYS A 96 -13.89 2.71 13.10
CA CYS A 96 -14.81 1.59 12.99
C CYS A 96 -15.86 1.66 14.10
N ILE A 97 -17.13 1.52 13.71
CA ILE A 97 -18.23 1.54 14.67
C ILE A 97 -18.99 0.22 14.70
N GLN A 98 -18.75 -0.69 13.77
CA GLN A 98 -19.42 -1.98 13.76
C GLN A 98 -18.59 -2.96 12.93
N THR A 99 -18.54 -4.21 13.39
CA THR A 99 -17.86 -5.28 12.67
C THR A 99 -18.85 -6.43 12.49
N ILE A 100 -19.31 -6.62 11.26
CA ILE A 100 -20.27 -7.69 10.95
C ILE A 100 -19.50 -8.99 10.79
N GLN A 101 -19.75 -9.95 11.67
CA GLN A 101 -19.09 -11.24 11.66
C GLN A 101 -20.08 -12.34 11.27
N HIS A 102 -21.01 -12.02 10.37
CA HIS A 102 -22.08 -12.93 10.02
C HIS A 102 -21.67 -13.94 8.94
N TYR A 103 -20.58 -13.70 8.24
CA TYR A 103 -20.24 -14.48 7.05
C TYR A 103 -19.05 -15.40 7.31
N SER A 104 -19.03 -16.51 6.56
CA SER A 104 -18.01 -17.53 6.72
C SER A 104 -16.95 -17.52 5.63
N LYS A 105 -17.24 -16.90 4.49
CA LYS A 105 -16.29 -16.80 3.39
C LYS A 105 -16.06 -15.33 3.03
N THR A 106 -15.13 -15.12 2.10
CA THR A 106 -14.76 -13.77 1.71
C THR A 106 -15.95 -13.00 1.18
N ILE A 107 -16.04 -11.72 1.56
CA ILE A 107 -17.01 -10.81 0.98
C ILE A 107 -16.47 -10.34 -0.36
N VAL A 108 -17.33 -10.32 -1.39
CA VAL A 108 -16.88 -10.11 -2.74
C VAL A 108 -17.39 -8.78 -3.32
N ALA A 109 -18.56 -8.31 -2.92
CA ALA A 109 -19.17 -7.13 -3.53
C ALA A 109 -19.92 -6.34 -2.48
N LEU A 110 -19.97 -5.03 -2.69
CA LEU A 110 -20.72 -4.13 -1.82
C LEU A 110 -21.43 -3.07 -2.67
N SER A 111 -22.56 -2.61 -2.15
CA SER A 111 -23.32 -1.52 -2.75
C SER A 111 -24.09 -0.84 -1.64
N ALA A 112 -24.05 0.48 -1.61
CA ALA A 112 -24.61 1.24 -0.51
C ALA A 112 -25.49 2.35 -1.04
N LEU A 113 -26.55 2.65 -0.29
CA LEU A 113 -27.38 3.82 -0.46
C LEU A 113 -27.71 4.34 0.93
N PRO A 114 -28.21 5.57 1.07
CA PRO A 114 -28.53 6.07 2.41
C PRO A 114 -29.29 5.06 3.25
N SER A 115 -28.65 4.60 4.33
CA SER A 115 -29.23 3.68 5.29
C SER A 115 -29.43 2.28 4.74
N LEU A 116 -28.73 1.91 3.65
CA LEU A 116 -28.84 0.58 3.08
C LEU A 116 -27.48 0.10 2.59
N ILE A 117 -27.23 -1.19 2.76
CA ILE A 117 -26.00 -1.83 2.31
C ILE A 117 -26.36 -3.18 1.70
N SER A 118 -25.84 -3.45 0.52
CA SER A 118 -26.03 -4.73 -0.15
C SER A 118 -24.71 -5.48 -0.11
N VAL A 119 -24.73 -6.69 0.46
CA VAL A 119 -23.51 -7.48 0.70
C VAL A 119 -23.54 -8.73 -0.16
N GLY A 120 -22.40 -9.03 -0.78
CA GLY A 120 -22.25 -10.25 -1.56
C GLY A 120 -21.09 -11.09 -1.07
N CYS A 121 -21.37 -12.34 -0.71
CA CYS A 121 -20.36 -13.23 -0.13
C CYS A 121 -19.99 -14.34 -1.11
N ALA A 122 -18.76 -14.82 -0.99
CA ALA A 122 -18.26 -15.87 -1.88
C ALA A 122 -18.89 -17.23 -1.62
N ASP A 123 -19.75 -17.36 -0.61
CA ASP A 123 -20.51 -18.58 -0.41
C ASP A 123 -21.85 -18.56 -1.12
N GLY A 124 -22.14 -17.50 -1.88
CA GLY A 124 -23.37 -17.37 -2.64
C GLY A 124 -24.41 -16.46 -2.01
N THR A 125 -24.16 -15.96 -0.80
CA THR A 125 -25.15 -15.20 -0.07
C THR A 125 -25.19 -13.75 -0.56
N ILE A 126 -26.41 -13.22 -0.67
CA ILE A 126 -26.64 -11.81 -0.96
C ILE A 126 -27.55 -11.28 0.13
N SER A 127 -27.10 -10.22 0.81
CA SER A 127 -27.78 -9.71 2.00
C SER A 127 -28.10 -8.23 1.84
N ILE A 128 -29.19 -7.82 2.47
CA ILE A 128 -29.56 -6.41 2.56
C ILE A 128 -29.48 -6.00 4.02
N TRP A 129 -28.74 -4.93 4.29
CA TRP A 129 -28.61 -4.37 5.63
C TRP A 129 -29.10 -2.93 5.62
N ARG A 130 -29.97 -2.60 6.57
CA ARG A 130 -30.38 -1.22 6.78
C ARG A 130 -30.13 -0.86 8.24
N GLN A 131 -29.64 0.36 8.47
CA GLN A 131 -29.23 0.76 9.81
C GLN A 131 -30.44 1.18 10.64
N ASN A 132 -30.41 0.81 11.91
CA ASN A 132 -31.43 1.25 12.84
C ASN A 132 -31.50 2.77 12.83
N ILE A 133 -32.59 3.28 13.41
CA ILE A 133 -32.86 4.72 13.37
C ILE A 133 -32.38 5.37 14.66
N GLN A 134 -32.41 4.62 15.77
CA GLN A 134 -31.93 5.15 17.04
C GLN A 134 -30.42 5.31 16.99
N ASN A 135 -29.70 4.18 16.90
CA ASN A 135 -28.25 4.19 16.79
C ASN A 135 -27.86 3.99 15.33
N ASP A 136 -26.55 3.98 15.07
CA ASP A 136 -26.02 3.86 13.72
C ASP A 136 -25.67 2.43 13.35
N GLU A 137 -26.09 1.45 14.14
CA GLU A 137 -25.75 0.05 13.87
C GLU A 137 -26.58 -0.49 12.71
N PHE A 138 -25.94 -1.31 11.88
CA PHE A 138 -26.59 -1.93 10.74
C PHE A 138 -27.06 -3.34 11.08
N GLY A 139 -28.35 -3.59 10.86
CA GLY A 139 -28.94 -4.88 11.16
C GLY A 139 -29.30 -5.64 9.89
N LEU A 140 -29.20 -6.97 9.96
CA LEU A 140 -29.52 -7.81 8.82
C LEU A 140 -31.03 -7.78 8.58
N ALA A 141 -31.44 -7.29 7.41
CA ALA A 141 -32.85 -7.22 7.06
C ALA A 141 -33.34 -8.47 6.36
N HIS A 142 -32.54 -9.02 5.46
CA HIS A 142 -32.94 -10.20 4.68
C HIS A 142 -31.82 -10.62 3.74
N GLU A 143 -31.61 -11.93 3.59
CA GLU A 143 -30.61 -12.47 2.69
C GLU A 143 -31.16 -13.68 1.97
N PHE A 144 -30.62 -13.96 0.78
CA PHE A 144 -31.13 -15.01 -0.07
C PHE A 144 -29.99 -15.53 -0.95
N THR A 145 -30.33 -16.38 -1.92
CA THR A 145 -29.35 -16.99 -2.78
C THR A 145 -29.96 -17.21 -4.16
N ILE A 146 -29.13 -17.09 -5.18
CA ILE A 146 -29.52 -17.37 -6.55
C ILE A 146 -29.26 -18.85 -6.79
N LYS A 147 -30.32 -19.67 -6.66
CA LYS A 147 -30.18 -21.12 -6.75
C LYS A 147 -29.93 -21.50 -8.21
N LYS A 148 -28.68 -21.30 -8.62
CA LYS A 148 -28.23 -21.67 -9.96
C LYS A 148 -26.85 -22.34 -9.84
N GLY A 149 -26.81 -23.49 -9.17
CA GLY A 149 -25.57 -24.20 -8.95
C GLY A 149 -24.74 -23.59 -7.84
N PHE A 150 -23.44 -23.47 -8.05
CA PHE A 150 -22.54 -22.83 -7.10
C PHE A 150 -22.35 -21.35 -7.38
N PHE A 151 -23.42 -20.67 -7.80
CA PHE A 151 -23.32 -19.26 -8.13
C PHE A 151 -22.95 -18.44 -6.91
N TYR A 152 -22.17 -17.38 -7.13
CA TYR A 152 -21.92 -16.39 -6.11
C TYR A 152 -21.69 -15.05 -6.79
N PRO A 153 -22.04 -13.95 -6.13
CA PRO A 153 -22.00 -12.64 -6.79
C PRO A 153 -20.60 -12.08 -6.90
N LEU A 154 -20.38 -11.32 -7.97
CA LEU A 154 -19.14 -10.60 -8.18
C LEU A 154 -19.32 -9.08 -8.18
N CYS A 155 -20.54 -8.59 -8.12
CA CYS A 155 -20.79 -7.15 -8.12
C CYS A 155 -22.26 -6.92 -7.80
N LEU A 156 -22.54 -5.77 -7.20
CA LEU A 156 -23.88 -5.40 -6.78
C LEU A 156 -24.09 -3.92 -7.04
N SER A 157 -25.35 -3.55 -7.26
CA SER A 157 -25.72 -2.15 -7.45
C SER A 157 -27.15 -1.95 -7.00
N LEU A 158 -27.37 -0.93 -6.17
CA LEU A 158 -28.69 -0.60 -5.66
C LEU A 158 -29.23 0.65 -6.36
N SER A 159 -30.56 0.74 -6.41
CA SER A 159 -31.20 1.92 -6.98
C SER A 159 -32.52 2.16 -6.25
N LYS A 160 -32.71 3.40 -5.81
CA LYS A 160 -33.98 3.81 -5.20
C LYS A 160 -34.90 4.27 -6.32
N VAL A 161 -35.94 3.49 -6.59
CA VAL A 161 -36.90 3.83 -7.64
C VAL A 161 -37.79 4.94 -7.10
N GLU A 162 -38.63 4.61 -6.12
CA GLU A 162 -39.42 5.56 -5.37
C GLU A 162 -39.09 5.43 -3.90
N GLU A 163 -39.58 6.38 -3.10
CA GLU A 163 -39.39 6.31 -1.66
C GLU A 163 -39.96 5.01 -1.13
N LYS A 164 -39.12 4.22 -0.47
CA LYS A 164 -39.42 2.94 0.16
C LYS A 164 -39.34 1.77 -0.81
N LYS A 165 -38.99 2.00 -2.08
CA LYS A 165 -38.98 0.96 -3.10
C LYS A 165 -37.65 0.98 -3.83
N TYR A 166 -37.00 -0.18 -3.92
CA TYR A 166 -35.63 -0.28 -4.40
C TYR A 166 -35.48 -1.40 -5.41
N LEU A 167 -34.43 -1.29 -6.23
CA LEU A 167 -33.97 -2.36 -7.11
C LEU A 167 -32.56 -2.76 -6.71
N LEU A 168 -32.23 -4.03 -6.94
CA LEU A 168 -30.90 -4.56 -6.68
C LEU A 168 -30.44 -5.36 -7.87
N ALA A 169 -29.33 -4.93 -8.49
CA ALA A 169 -28.73 -5.66 -9.60
C ALA A 169 -27.65 -6.59 -9.07
N ILE A 170 -27.60 -7.80 -9.62
CA ILE A 170 -26.67 -8.83 -9.16
C ILE A 170 -25.96 -9.40 -10.38
N GLY A 171 -24.64 -9.34 -10.37
CA GLY A 171 -23.84 -9.97 -11.41
C GLY A 171 -22.75 -10.81 -10.79
N GLY A 172 -22.49 -11.96 -11.40
CA GLY A 172 -21.47 -12.86 -10.90
C GLY A 172 -21.13 -13.99 -11.84
N THR A 173 -21.01 -15.21 -11.28
CA THR A 173 -20.64 -16.38 -12.05
C THR A 173 -21.80 -16.88 -12.90
N ASN A 174 -22.30 -16.03 -13.79
CA ASN A 174 -23.43 -16.35 -14.64
C ASN A 174 -23.48 -15.33 -15.77
N VAL A 175 -24.00 -15.76 -16.92
CA VAL A 175 -24.04 -14.88 -18.09
C VAL A 175 -25.21 -13.91 -18.06
N ASN A 176 -26.11 -14.03 -17.08
CA ASN A 176 -27.27 -13.17 -16.98
C ASN A 176 -27.11 -12.21 -15.81
N VAL A 177 -27.66 -11.00 -15.99
CA VAL A 177 -27.74 -10.02 -14.93
C VAL A 177 -29.06 -10.22 -14.19
N PHE A 178 -28.99 -10.52 -12.90
CA PHE A 178 -30.19 -10.74 -12.10
C PHE A 178 -30.64 -9.42 -11.48
N ILE A 179 -31.92 -9.11 -11.64
CA ILE A 179 -32.54 -7.93 -11.05
C ILE A 179 -33.50 -8.41 -9.97
N ALA A 180 -33.35 -7.85 -8.77
CA ALA A 180 -34.27 -8.10 -7.67
C ALA A 180 -34.93 -6.81 -7.26
N SER A 181 -36.08 -6.93 -6.59
CA SER A 181 -36.85 -5.78 -6.15
C SER A 181 -37.41 -6.04 -4.76
N PHE A 182 -37.26 -5.09 -3.86
CA PHE A 182 -37.79 -5.20 -2.51
C PHE A 182 -38.37 -3.87 -2.07
N ILE A 183 -39.04 -3.90 -0.92
CA ILE A 183 -39.73 -2.73 -0.38
C ILE A 183 -39.27 -2.51 1.05
N LEU A 184 -39.23 -1.24 1.46
CA LEU A 184 -38.80 -0.86 2.79
C LEU A 184 -39.99 -0.86 3.75
N SER A 185 -39.81 -1.47 4.91
CA SER A 185 -40.87 -1.56 5.91
C SER A 185 -40.27 -1.27 7.28
N ASP A 186 -41.14 -1.26 8.29
CA ASP A 186 -40.68 -1.06 9.66
C ASP A 186 -39.78 -2.21 10.08
N SER A 187 -38.53 -1.89 10.40
CA SER A 187 -37.56 -2.86 10.90
C SER A 187 -37.36 -4.02 9.92
N GLY A 188 -36.99 -3.66 8.69
CA GLY A 188 -36.64 -4.65 7.69
C GLY A 188 -37.30 -4.33 6.36
N ILE A 189 -37.45 -5.38 5.55
CA ILE A 189 -37.96 -5.27 4.19
C ILE A 189 -38.94 -6.40 3.94
N GLU A 190 -39.66 -6.29 2.81
CA GLU A 190 -40.59 -7.32 2.38
C GLU A 190 -40.74 -7.20 0.87
N LYS A 191 -41.37 -8.22 0.27
CA LYS A 191 -41.56 -8.29 -1.18
C LYS A 191 -40.23 -8.36 -1.92
N CYS A 192 -39.24 -9.00 -1.33
CA CYS A 192 -37.91 -9.13 -1.93
C CYS A 192 -37.82 -10.44 -2.69
N ARG A 193 -37.90 -10.36 -4.02
CA ARG A 193 -37.70 -11.54 -4.85
C ARG A 193 -37.03 -11.13 -6.15
N VAL A 194 -36.47 -12.12 -6.84
CA VAL A 194 -35.86 -11.90 -8.15
C VAL A 194 -36.97 -11.74 -9.18
N VAL A 195 -36.85 -10.72 -10.03
CA VAL A 195 -37.94 -10.33 -10.91
C VAL A 195 -37.56 -10.49 -12.38
N ALA A 196 -36.28 -10.35 -12.69
CA ALA A 196 -35.84 -10.41 -14.08
C ALA A 196 -34.43 -10.96 -14.16
N GLU A 197 -34.13 -11.61 -15.29
CA GLU A 197 -32.81 -12.15 -15.60
C GLU A 197 -32.37 -11.57 -16.94
N LEU A 198 -31.82 -10.36 -16.91
CA LEU A 198 -31.37 -9.71 -18.14
C LEU A 198 -30.28 -10.56 -18.79
N GLU A 199 -30.56 -11.06 -19.99
CA GLU A 199 -29.63 -11.90 -20.72
C GLU A 199 -29.10 -11.16 -21.94
N GLY A 200 -27.89 -11.54 -22.35
CA GLY A 200 -27.21 -10.90 -23.45
C GLY A 200 -25.72 -11.15 -23.40
N HIS A 201 -25.13 -11.03 -22.21
CA HIS A 201 -23.71 -11.32 -22.05
C HIS A 201 -23.45 -12.81 -22.31
N GLU A 202 -22.19 -13.12 -22.58
CA GLU A 202 -21.77 -14.48 -22.88
C GLU A 202 -20.69 -14.99 -21.93
N ASP A 203 -20.39 -14.24 -20.87
CA ASP A 203 -19.46 -14.68 -19.84
C ASP A 203 -19.89 -14.03 -18.52
N TRP A 204 -19.05 -14.17 -17.50
CA TRP A 204 -19.42 -13.68 -16.17
C TRP A 204 -19.53 -12.17 -16.15
N VAL A 205 -20.50 -11.67 -15.38
CA VAL A 205 -20.72 -10.24 -15.22
C VAL A 205 -19.89 -9.75 -14.05
N LYS A 206 -19.03 -8.76 -14.30
CA LYS A 206 -18.03 -8.33 -13.32
C LYS A 206 -18.30 -6.96 -12.74
N SER A 207 -19.10 -6.11 -13.39
CA SER A 207 -19.34 -4.77 -12.90
C SER A 207 -20.76 -4.34 -13.25
N LEU A 208 -21.43 -3.71 -12.28
CA LEU A 208 -22.77 -3.18 -12.45
C LEU A 208 -22.84 -1.80 -11.83
N ALA A 209 -23.68 -0.94 -12.41
CA ALA A 209 -23.86 0.41 -11.88
C ALA A 209 -25.15 1.00 -12.42
N PHE A 210 -26.04 1.40 -11.52
CA PHE A 210 -27.23 2.16 -11.91
C PHE A 210 -26.89 3.63 -12.06
N ARG A 211 -27.62 4.30 -12.94
CA ARG A 211 -27.52 5.75 -13.08
C ARG A 211 -28.74 6.40 -12.44
N HIS A 212 -28.54 7.62 -11.94
CA HIS A 212 -29.60 8.30 -11.21
C HIS A 212 -30.61 8.92 -12.17
N GLN A 213 -31.75 9.31 -11.61
CA GLN A 213 -32.89 9.79 -12.40
C GLN A 213 -32.77 11.30 -12.60
N GLU A 214 -31.99 11.67 -13.62
CA GLU A 214 -32.02 13.06 -14.06
C GLU A 214 -33.34 13.38 -14.75
N THR A 215 -33.90 12.40 -15.48
CA THR A 215 -35.25 12.48 -16.01
C THR A 215 -36.14 11.58 -15.17
N PRO A 216 -37.11 12.11 -14.41
CA PRO A 216 -37.87 11.27 -13.49
C PRO A 216 -38.45 10.01 -14.13
N GLY A 217 -38.07 8.85 -13.60
CA GLY A 217 -38.63 7.58 -14.03
C GLY A 217 -38.00 6.96 -15.24
N ASP A 218 -36.84 7.45 -15.68
CA ASP A 218 -36.18 6.91 -16.88
C ASP A 218 -34.67 7.03 -16.67
N TYR A 219 -34.02 5.91 -16.35
CA TYR A 219 -32.59 5.91 -16.08
C TYR A 219 -31.99 4.61 -16.61
N LEU A 220 -30.66 4.51 -16.48
CA LEU A 220 -29.89 3.49 -17.16
C LEU A 220 -29.14 2.60 -16.18
N LEU A 221 -28.87 1.37 -16.61
CA LEU A 221 -28.04 0.42 -15.89
C LEU A 221 -27.00 -0.13 -16.85
N CYS A 222 -25.73 0.00 -16.51
CA CYS A 222 -24.64 -0.51 -17.33
C CYS A 222 -24.05 -1.74 -16.65
N SER A 223 -23.77 -2.76 -17.47
CA SER A 223 -23.19 -4.01 -17.00
C SER A 223 -21.93 -4.32 -17.79
N GLY A 224 -20.90 -4.79 -17.09
CA GLY A 224 -19.64 -5.17 -17.70
C GLY A 224 -19.33 -6.63 -17.41
N SER A 225 -18.86 -7.33 -18.44
CA SER A 225 -18.68 -8.77 -18.38
C SER A 225 -17.24 -9.13 -18.77
N GLN A 226 -16.90 -10.40 -18.57
CA GLN A 226 -15.65 -10.95 -19.06
C GLN A 226 -15.68 -11.24 -20.56
N ASP A 227 -16.79 -10.93 -21.25
CA ASP A 227 -16.89 -11.10 -22.68
C ASP A 227 -16.44 -9.85 -23.45
N ARG A 228 -15.80 -8.90 -22.77
CA ARG A 228 -15.19 -7.70 -23.35
C ARG A 228 -16.22 -6.61 -23.66
N TYR A 229 -17.50 -6.83 -23.41
CA TYR A 229 -18.55 -5.90 -23.81
C TYR A 229 -19.15 -5.18 -22.61
N ILE A 230 -19.81 -4.07 -22.90
CA ILE A 230 -20.65 -3.35 -21.94
C ILE A 230 -22.05 -3.27 -22.53
N ARG A 231 -23.05 -3.59 -21.70
CA ARG A 231 -24.44 -3.51 -22.12
C ARG A 231 -25.16 -2.44 -21.31
N LEU A 232 -25.97 -1.65 -22.00
CA LEU A 232 -26.77 -0.59 -21.39
C LEU A 232 -28.23 -1.00 -21.38
N TRP A 233 -28.88 -0.85 -20.22
CA TRP A 233 -30.25 -1.27 -20.02
C TRP A 233 -31.07 -0.06 -19.57
N ARG A 234 -32.21 0.16 -20.23
CA ARG A 234 -33.09 1.27 -19.92
C ARG A 234 -34.15 0.82 -18.94
N ILE A 235 -34.35 1.59 -17.88
CA ILE A 235 -35.33 1.29 -16.84
C ILE A 235 -36.40 2.36 -16.87
N ARG A 236 -37.67 1.95 -16.80
CA ARG A 236 -38.79 2.86 -16.79
C ARG A 236 -39.81 2.38 -15.76
N ILE A 237 -40.70 3.30 -15.35
CA ILE A 237 -41.70 3.02 -14.33
C ILE A 237 -43.05 3.52 -14.83
N ASN A 238 -43.99 2.60 -15.06
CA ASN A 238 -45.37 2.94 -15.38
C ASN A 238 -45.52 3.48 -16.81
N ASP A 239 -44.56 4.29 -17.26
CA ASP A 239 -44.61 4.85 -18.60
C ASP A 239 -43.65 4.12 -19.54
N LEU A 240 -43.84 2.81 -19.70
CA LEU A 240 -43.02 1.96 -20.56
C LEU A 240 -43.83 1.55 -21.79
N ILE A 241 -43.26 0.63 -22.57
CA ILE A 241 -43.92 0.16 -23.78
C ILE A 241 -43.66 -1.34 -23.93
N SER A 255 -36.22 -9.95 -32.95
CA SER A 255 -35.44 -9.47 -31.81
C SER A 255 -36.34 -8.65 -30.88
N ASN A 256 -35.79 -7.58 -30.30
CA ASN A 256 -36.53 -6.76 -29.35
C ASN A 256 -36.84 -7.57 -28.09
N LYS A 257 -36.98 -6.89 -26.96
CA LYS A 257 -37.30 -7.54 -25.70
C LYS A 257 -37.61 -6.46 -24.68
N GLN A 258 -38.16 -6.89 -23.54
CA GLN A 258 -38.41 -5.97 -22.44
C GLN A 258 -38.92 -6.75 -21.24
N TYR A 259 -38.19 -6.67 -20.13
CA TYR A 259 -38.46 -7.47 -18.93
C TYR A 259 -39.31 -6.64 -17.99
N LYS A 260 -40.62 -6.90 -18.00
CA LYS A 260 -41.54 -6.22 -17.10
C LYS A 260 -41.69 -7.00 -15.79
N PHE A 261 -41.96 -6.26 -14.72
CA PHE A 261 -42.26 -6.87 -13.43
C PHE A 261 -42.92 -5.81 -12.56
N GLN A 262 -43.59 -6.28 -11.51
CA GLN A 262 -44.29 -5.42 -10.58
C GLN A 262 -43.62 -5.49 -9.22
N ILE A 263 -43.17 -4.33 -8.72
CA ILE A 263 -42.62 -4.29 -7.37
C ILE A 263 -43.73 -4.40 -6.34
N ASP A 264 -44.94 -3.95 -6.69
CA ASP A 264 -46.13 -4.12 -5.87
C ASP A 264 -47.33 -3.76 -6.74
N ASP A 265 -48.51 -3.70 -6.13
CA ASP A 265 -49.73 -3.36 -6.85
C ASP A 265 -49.80 -1.88 -7.27
N GLU A 266 -48.73 -1.10 -7.13
CA GLU A 266 -48.76 0.30 -7.51
C GLU A 266 -47.44 0.78 -8.11
N LEU A 267 -46.53 -0.12 -8.46
CA LEU A 267 -45.28 0.25 -9.11
C LEU A 267 -44.95 -0.81 -10.15
N ARG A 268 -44.73 -0.37 -11.39
CA ARG A 268 -44.57 -1.25 -12.54
C ARG A 268 -43.33 -0.82 -13.31
N VAL A 269 -42.30 -1.68 -13.32
CA VAL A 269 -41.02 -1.37 -13.94
C VAL A 269 -40.91 -2.10 -15.28
N GLY A 270 -40.18 -1.50 -16.20
CA GLY A 270 -39.92 -2.10 -17.50
C GLY A 270 -38.50 -1.88 -17.96
N ILE A 271 -37.72 -2.95 -18.09
CA ILE A 271 -36.32 -2.89 -18.47
C ILE A 271 -36.17 -3.43 -19.89
N ASN A 272 -35.27 -2.82 -20.66
CA ASN A 272 -35.00 -3.29 -22.02
C ASN A 272 -33.58 -2.92 -22.40
N PHE A 273 -32.97 -3.77 -23.23
CA PHE A 273 -31.64 -3.51 -23.75
C PHE A 273 -31.64 -2.26 -24.62
N GLU A 274 -30.57 -1.47 -24.52
CA GLU A 274 -30.52 -0.20 -25.24
C GLU A 274 -29.27 -0.04 -26.11
N ALA A 275 -28.12 -0.51 -25.65
CA ALA A 275 -26.89 -0.30 -26.40
C ALA A 275 -25.85 -1.33 -26.02
N LEU A 276 -24.92 -1.56 -26.93
CA LEU A 276 -23.79 -2.47 -26.73
C LEU A 276 -22.52 -1.73 -27.10
N ILE A 277 -21.49 -1.87 -26.26
CA ILE A 277 -20.28 -1.06 -26.39
C ILE A 277 -19.05 -1.94 -26.30
N MSE A 278 -18.00 -1.53 -27.01
CA MSE A 278 -16.67 -2.15 -26.93
C MSE A 278 -16.67 -3.60 -27.41
O MSE A 278 -17.22 -3.89 -28.48
CB MSE A 278 -16.14 -2.06 -25.49
CG MSE A 278 -16.02 -0.63 -24.97
SE MSE A 278 -14.76 -0.46 -23.48
CE MSE A 278 -13.16 -1.20 -24.33
H MSE A 278 -18.03 -0.87 -27.56
HA MSE A 278 -16.06 -1.64 -27.48
HB2 MSE A 278 -16.75 -2.54 -24.90
HB3 MSE A 278 -15.27 -2.46 -25.46
HG2 MSE A 278 -15.70 -0.06 -25.68
HG3 MSE A 278 -16.89 -0.34 -24.66
HE1 MSE A 278 -12.44 -1.17 -23.69
HE2 MSE A 278 -13.35 -2.11 -24.60
HE3 MSE A 278 -12.95 -0.65 -25.11
N GLY A 279 -16.05 -4.49 -26.66
CA GLY A 279 -15.90 -5.88 -27.06
C GLY A 279 -14.53 -6.25 -27.60
N HIS A 280 -13.53 -5.38 -27.46
CA HIS A 280 -12.23 -5.62 -28.10
C HIS A 280 -11.06 -5.12 -27.26
N ASP A 281 -11.22 -5.09 -25.94
CA ASP A 281 -10.15 -4.65 -25.05
C ASP A 281 -10.17 -5.46 -23.75
N ASP A 282 -10.25 -6.79 -23.89
CA ASP A 282 -10.19 -7.69 -22.74
C ASP A 282 -11.35 -7.41 -21.78
N TRP A 283 -11.30 -8.01 -20.60
CA TRP A 283 -12.41 -7.93 -19.65
C TRP A 283 -12.73 -6.48 -19.29
N ILE A 284 -13.97 -6.27 -18.86
CA ILE A 284 -14.41 -4.99 -18.33
C ILE A 284 -14.12 -5.01 -16.83
N SER A 285 -13.20 -4.14 -16.40
CA SER A 285 -12.78 -4.17 -15.00
C SER A 285 -13.73 -3.37 -14.12
N SER A 286 -14.05 -2.13 -14.51
CA SER A 286 -14.79 -1.23 -13.65
C SER A 286 -15.60 -0.27 -14.51
N LEU A 287 -16.76 0.15 -13.99
CA LEU A 287 -17.65 1.07 -14.66
C LEU A 287 -18.14 2.12 -13.68
N GLN A 288 -17.98 3.39 -14.03
CA GLN A 288 -18.37 4.50 -13.17
C GLN A 288 -19.24 5.45 -13.97
N TRP A 289 -20.48 5.65 -13.52
CA TRP A 289 -21.26 6.75 -14.05
C TRP A 289 -20.75 8.07 -13.46
N HIS A 290 -21.10 9.15 -14.14
CA HIS A 290 -20.73 10.49 -13.73
C HIS A 290 -21.99 11.26 -13.40
N GLU A 291 -21.97 11.98 -12.28
CA GLU A 291 -23.07 12.86 -11.94
C GLU A 291 -22.69 14.30 -12.29
N SER A 292 -23.48 15.03 -13.08
CA SER A 292 -24.79 14.62 -13.58
C SER A 292 -24.78 14.30 -15.08
N ARG A 293 -23.68 14.61 -15.76
CA ARG A 293 -23.59 14.37 -17.20
C ARG A 293 -23.82 12.91 -17.52
N LEU A 294 -24.32 12.65 -18.74
CA LEU A 294 -24.56 11.30 -19.23
C LEU A 294 -23.31 10.81 -19.97
N GLN A 295 -22.34 10.35 -19.19
CA GLN A 295 -21.11 9.78 -19.72
C GLN A 295 -20.74 8.57 -18.86
N LEU A 296 -20.00 7.65 -19.46
CA LEU A 296 -19.63 6.40 -18.81
C LEU A 296 -18.13 6.21 -18.89
N LEU A 297 -17.49 6.01 -17.74
CA LEU A 297 -16.07 5.71 -17.65
C LEU A 297 -15.89 4.21 -17.48
N ALA A 298 -14.97 3.64 -18.26
CA ALA A 298 -14.73 2.20 -18.24
C ALA A 298 -13.24 1.92 -18.16
N ALA A 299 -12.86 1.03 -17.25
CA ALA A 299 -11.50 0.52 -17.16
C ALA A 299 -11.48 -0.94 -17.61
N THR A 300 -10.42 -1.33 -18.30
CA THR A 300 -10.31 -2.66 -18.87
C THR A 300 -9.07 -3.37 -18.35
N ALA A 301 -8.87 -4.61 -18.81
CA ALA A 301 -7.76 -5.44 -18.39
C ALA A 301 -6.56 -5.36 -19.32
N ASP A 302 -6.61 -4.51 -20.35
CA ASP A 302 -5.46 -4.27 -21.21
C ASP A 302 -4.91 -2.85 -21.05
N THR A 303 -5.21 -2.20 -19.92
CA THR A 303 -4.69 -0.87 -19.61
C THR A 303 -5.31 0.19 -20.52
N SER A 304 -6.64 0.20 -20.56
CA SER A 304 -7.39 1.20 -21.32
C SER A 304 -8.41 1.85 -20.40
N LEU A 305 -8.50 3.17 -20.47
CA LEU A 305 -9.47 3.94 -19.70
C LEU A 305 -10.22 4.83 -20.69
N MSE A 306 -11.51 4.53 -20.90
CA MSE A 306 -12.28 5.20 -21.95
C MSE A 306 -13.54 5.85 -21.43
O MSE A 306 -14.16 5.38 -20.47
CB MSE A 306 -12.65 4.21 -23.04
CG MSE A 306 -11.51 3.31 -23.48
SE MSE A 306 -12.00 2.24 -25.03
CE MSE A 306 -10.67 0.83 -24.85
H MSE A 306 -11.94 3.94 -20.46
HA MSE A 306 -11.72 5.89 -22.35
HB2 MSE A 306 -13.37 3.64 -22.72
HB3 MSE A 306 -12.94 4.70 -23.82
HG2 MSE A 306 -10.75 3.85 -23.71
HG3 MSE A 306 -11.29 2.70 -22.75
HE1 MSE A 306 -10.77 0.20 -25.57
HE2 MSE A 306 -9.78 1.23 -24.89
HE3 MSE A 306 -10.79 0.38 -23.99
N VAL A 307 -13.93 6.95 -22.08
CA VAL A 307 -15.17 7.66 -21.77
C VAL A 307 -16.12 7.46 -22.94
N TRP A 308 -17.33 7.01 -22.65
CA TRP A 308 -18.36 6.77 -23.66
C TRP A 308 -19.55 7.67 -23.37
N GLU A 309 -20.05 8.35 -24.41
CA GLU A 309 -21.18 9.23 -24.27
C GLU A 309 -22.01 9.17 -25.55
N PRO A 310 -23.32 9.37 -25.47
CA PRO A 310 -24.15 9.34 -26.69
C PRO A 310 -23.85 10.54 -27.58
N ASP A 311 -23.77 10.26 -28.88
CA ASP A 311 -23.47 11.30 -29.85
C ASP A 311 -24.53 12.39 -29.81
N GLU A 312 -24.09 13.63 -30.04
CA GLU A 312 -24.99 14.78 -29.99
C GLU A 312 -25.95 14.79 -31.18
N THR A 313 -25.60 14.14 -32.29
CA THR A 313 -26.42 14.13 -33.50
C THR A 313 -27.17 12.82 -33.65
N SER A 314 -26.46 11.70 -33.71
CA SER A 314 -27.08 10.40 -33.96
C SER A 314 -27.55 9.70 -32.70
N GLY A 315 -27.07 10.13 -31.52
CA GLY A 315 -27.48 9.52 -30.28
C GLY A 315 -26.83 8.19 -29.95
N ILE A 316 -26.08 7.60 -30.88
CA ILE A 316 -25.40 6.35 -30.60
C ILE A 316 -24.20 6.61 -29.69
N TRP A 317 -23.82 5.60 -28.92
CA TRP A 317 -22.73 5.73 -27.98
C TRP A 317 -21.40 5.61 -28.71
N VAL A 318 -20.47 6.53 -28.41
CA VAL A 318 -19.19 6.60 -29.09
C VAL A 318 -18.12 7.02 -28.10
N CYS A 319 -16.93 6.44 -28.24
CA CYS A 319 -15.81 6.79 -27.38
C CYS A 319 -15.35 8.21 -27.65
N SER A 320 -15.39 9.06 -26.62
CA SER A 320 -15.02 10.46 -26.75
C SER A 320 -13.65 10.77 -26.15
N LEU A 321 -13.03 9.82 -25.46
CA LEU A 321 -11.72 10.05 -24.86
C LEU A 321 -11.11 8.71 -24.49
N ARG A 322 -9.79 8.58 -24.73
CA ARG A 322 -9.06 7.35 -24.43
C ARG A 322 -7.77 7.72 -23.70
N LEU A 323 -7.43 6.94 -22.68
CA LEU A 323 -6.29 7.22 -21.83
C LEU A 323 -5.53 5.94 -21.55
N GLY A 324 -4.23 6.10 -21.29
CA GLY A 324 -3.37 4.96 -21.01
C GLY A 324 -2.80 4.30 -22.24
N GLU A 325 -2.85 2.96 -22.28
CA GLU A 325 -2.33 2.21 -23.42
C GLU A 325 -3.38 2.16 -24.52
N GLY A 339 -0.21 -6.17 -17.45
CA GLY A 339 -0.84 -4.87 -17.27
C GLY A 339 -2.30 -4.98 -16.89
N GLY A 340 -3.02 -3.86 -16.98
CA GLY A 340 -4.43 -3.83 -16.70
C GLY A 340 -4.83 -2.84 -15.63
N PHE A 341 -6.05 -2.34 -15.71
CA PHE A 341 -6.64 -1.49 -14.69
C PHE A 341 -7.75 -2.26 -13.97
N TRP A 342 -7.83 -2.09 -12.66
CA TRP A 342 -8.82 -2.81 -11.85
C TRP A 342 -10.01 -1.94 -11.49
N SER A 343 -9.78 -0.81 -10.85
CA SER A 343 -10.86 0.12 -10.51
C SER A 343 -10.58 1.47 -11.16
N CYS A 344 -11.65 2.24 -11.33
CA CYS A 344 -11.55 3.60 -11.84
C CYS A 344 -12.52 4.49 -11.07
N LEU A 345 -12.15 5.76 -10.93
CA LEU A 345 -12.94 6.74 -10.20
C LEU A 345 -13.09 7.99 -11.06
N TRP A 346 -14.00 8.87 -10.64
CA TRP A 346 -14.39 10.00 -11.47
C TRP A 346 -14.93 11.10 -10.59
N PHE A 347 -14.31 12.27 -10.63
CA PHE A 347 -14.80 13.43 -9.90
C PHE A 347 -14.53 14.69 -10.70
N THR A 348 -15.29 15.72 -10.40
CA THR A 348 -15.21 17.02 -11.07
C THR A 348 -14.72 18.07 -10.08
N HIS A 349 -13.81 18.93 -10.54
CA HIS A 349 -13.24 19.96 -9.67
C HIS A 349 -12.72 21.10 -10.54
N GLU A 350 -13.19 22.32 -10.26
CA GLU A 350 -12.75 23.51 -10.98
C GLU A 350 -13.09 23.43 -12.47
N ARG A 351 -14.31 23.00 -12.78
CA ARG A 351 -14.81 22.98 -14.15
C ARG A 351 -14.15 21.88 -14.99
N MSE A 352 -13.12 21.25 -14.45
CA MSE A 352 -12.51 20.09 -15.09
C MSE A 352 -13.11 18.83 -14.48
O MSE A 352 -13.85 18.90 -13.50
CB MSE A 352 -11.00 20.10 -14.90
CG MSE A 352 -10.26 21.14 -15.74
SE MSE A 352 -8.39 21.30 -15.22
CE MSE A 352 -8.64 22.20 -13.51
H MSE A 352 -12.74 21.48 -13.72
HA MSE A 352 -12.71 20.11 -16.03
HB2 MSE A 352 -10.80 20.27 -13.97
HB3 MSE A 352 -10.65 19.22 -15.15
HG2 MSE A 352 -10.30 20.87 -16.67
HG3 MSE A 352 -10.69 21.99 -15.61
HE1 MSE A 352 -7.78 22.37 -13.10
HE2 MSE A 352 -9.10 23.04 -13.66
HE3 MSE A 352 -9.18 21.63 -12.92
N ASP A 353 -12.78 17.67 -15.05
CA ASP A 353 -13.12 16.40 -14.44
C ASP A 353 -11.90 15.50 -14.47
N PHE A 354 -11.73 14.72 -13.41
CA PHE A 354 -10.53 13.92 -13.18
C PHE A 354 -10.86 12.45 -13.30
N PHE A 355 -9.93 11.68 -13.85
CA PHE A 355 -10.07 10.24 -14.03
C PHE A 355 -8.97 9.52 -13.27
N LEU A 356 -9.36 8.59 -12.40
CA LEU A 356 -8.43 7.81 -11.61
C LEU A 356 -8.49 6.35 -12.02
N THR A 357 -7.39 5.63 -11.79
CA THR A 357 -7.35 4.19 -12.01
C THR A 357 -6.03 3.65 -11.50
N ASN A 358 -6.09 2.46 -10.91
CA ASN A 358 -4.92 1.80 -10.34
C ASN A 358 -4.48 0.65 -11.23
N GLY A 359 -3.17 0.42 -11.28
CA GLY A 359 -2.61 -0.57 -12.17
C GLY A 359 -1.95 -1.74 -11.46
N LYS A 360 -1.21 -2.55 -12.21
CA LYS A 360 -0.63 -3.76 -11.64
C LYS A 360 0.40 -3.45 -10.57
N THR A 361 1.09 -2.32 -10.67
CA THR A 361 2.10 -1.94 -9.70
C THR A 361 1.52 -1.25 -8.48
N GLY A 362 0.21 -1.32 -8.28
CA GLY A 362 -0.42 -0.70 -7.14
C GLY A 362 -0.45 0.81 -7.15
N SER A 363 -0.13 1.43 -8.29
CA SER A 363 -0.02 2.88 -8.39
C SER A 363 -1.28 3.47 -8.98
N TRP A 364 -1.63 4.67 -8.51
CA TRP A 364 -2.79 5.40 -9.01
C TRP A 364 -2.36 6.37 -10.11
N ARG A 365 -2.97 6.25 -11.28
CA ARG A 365 -2.78 7.20 -12.36
C ARG A 365 -3.95 8.17 -12.41
N MSE A 366 -3.67 9.40 -12.84
CA MSE A 366 -4.68 10.44 -12.85
C MSE A 366 -4.52 11.41 -14.02
O MSE A 366 -3.41 11.79 -14.38
CB MSE A 366 -4.60 11.23 -11.53
CG MSE A 366 -5.43 12.50 -11.49
SE MSE A 366 -5.20 13.44 -9.81
CE MSE A 366 -6.96 13.22 -9.08
H MSE A 366 -2.89 9.64 -13.14
HA MSE A 366 -5.55 10.04 -12.89
HB2 MSE A 366 -4.90 10.65 -10.81
HB3 MSE A 366 -3.67 11.49 -11.37
HG2 MSE A 366 -5.16 13.09 -12.22
HG3 MSE A 366 -6.37 12.27 -11.59
HE1 MSE A 366 -7.00 13.66 -8.21
HE2 MSE A 366 -7.60 13.62 -9.68
HE3 MSE A 366 -7.15 12.27 -8.99
N TRP A 367 -5.65 11.78 -14.61
CA TRP A 367 -5.68 12.77 -15.68
C TRP A 367 -6.73 13.83 -15.36
N ALA A 368 -6.60 14.97 -16.04
CA ALA A 368 -7.53 16.07 -15.89
C ALA A 368 -7.80 16.68 -17.25
N THR A 369 -9.03 17.16 -17.47
CA THR A 369 -9.45 17.63 -18.78
C THR A 369 -10.29 18.90 -18.65
N LYS A 370 -9.93 19.93 -19.42
CA LYS A 370 -10.83 21.06 -19.61
C LYS A 370 -12.20 20.57 -20.06
N ASP A 371 -12.20 19.54 -20.89
CA ASP A 371 -13.35 18.95 -21.55
C ASP A 371 -12.81 17.70 -22.22
N ASN A 372 -13.68 16.91 -22.84
CA ASN A 372 -13.20 15.69 -23.45
C ASN A 372 -12.14 15.95 -24.52
N ILE A 373 -11.89 17.21 -24.88
CA ILE A 373 -10.90 17.51 -25.92
C ILE A 373 -9.48 17.35 -25.38
N ILE A 374 -9.08 18.21 -24.43
CA ILE A 374 -7.70 18.29 -23.99
C ILE A 374 -7.56 17.67 -22.61
N CYS A 375 -6.32 17.31 -22.27
CA CYS A 375 -6.04 16.73 -20.97
C CYS A 375 -4.55 16.77 -20.70
N ASP A 376 -4.21 16.66 -19.41
CA ASP A 376 -2.83 16.49 -18.97
C ASP A 376 -2.81 15.56 -17.77
N GLN A 377 -1.74 14.78 -17.64
CA GLN A 377 -1.62 13.84 -16.55
C GLN A 377 -1.17 14.56 -15.28
N ARG A 378 -1.78 14.19 -14.15
CA ARG A 378 -1.48 14.79 -12.87
C ARG A 378 -0.71 13.81 -11.99
N LEU A 379 -0.01 14.36 -11.01
CA LEU A 379 0.84 13.55 -10.14
C LEU A 379 -0.01 12.60 -9.30
N GLY A 380 0.37 11.32 -9.31
CA GLY A 380 -0.35 10.29 -8.59
C GLY A 380 0.40 9.80 -7.38
N ILE A 381 -0.01 8.63 -6.89
CA ILE A 381 0.58 8.02 -5.70
C ILE A 381 1.00 6.60 -6.05
N SER A 382 1.96 6.09 -5.27
CA SER A 382 2.55 4.80 -5.54
C SER A 382 2.89 4.09 -4.23
N GLY A 383 3.24 2.81 -4.34
CA GLY A 383 3.60 2.01 -3.19
C GLY A 383 3.70 0.54 -3.54
N ALA A 384 4.33 -0.25 -2.67
CA ALA A 384 4.49 -1.68 -2.94
C ALA A 384 3.15 -2.41 -2.79
N THR A 385 3.08 -3.59 -3.41
CA THR A 385 1.90 -4.45 -3.32
C THR A 385 2.14 -5.72 -2.52
N LYS A 386 3.39 -6.08 -2.25
CA LYS A 386 3.73 -7.17 -1.35
C LYS A 386 4.60 -6.63 -0.23
N ASP A 387 4.89 -7.48 0.74
CA ASP A 387 5.58 -7.05 1.95
C ASP A 387 6.85 -6.28 1.60
N VAL A 388 7.10 -5.20 2.34
CA VAL A 388 8.36 -4.48 2.25
C VAL A 388 9.37 -5.18 3.15
N THR A 389 10.53 -5.49 2.58
CA THR A 389 11.51 -6.35 3.26
C THR A 389 12.67 -5.59 3.86
N ASP A 390 13.10 -4.48 3.24
CA ASP A 390 14.25 -3.74 3.75
C ASP A 390 14.16 -2.31 3.25
N ILE A 391 14.86 -1.41 3.95
CA ILE A 391 14.98 -0.02 3.56
C ILE A 391 16.39 0.45 3.91
N ALA A 392 16.80 1.55 3.26
CA ALA A 392 18.14 2.08 3.50
C ALA A 392 18.22 3.51 2.98
N TRP A 393 18.56 4.45 3.85
CA TRP A 393 18.81 5.82 3.42
C TRP A 393 20.14 5.91 2.69
N SER A 394 20.26 6.93 1.85
CA SER A 394 21.56 7.28 1.29
C SER A 394 22.45 7.79 2.42
N PRO A 395 23.77 7.72 2.24
CA PRO A 395 24.67 8.23 3.29
C PRO A 395 24.34 9.66 3.72
N SER A 396 24.00 10.53 2.76
CA SER A 396 23.61 11.89 3.10
C SER A 396 22.24 11.96 3.77
N GLY A 397 21.41 10.93 3.59
CA GLY A 397 20.09 10.92 4.21
C GLY A 397 19.05 11.74 3.47
N GLU A 398 19.25 12.00 2.18
CA GLU A 398 18.33 12.86 1.45
C GLU A 398 17.24 12.08 0.72
N TYR A 399 17.42 10.77 0.52
CA TYR A 399 16.36 9.94 -0.02
C TYR A 399 16.44 8.56 0.60
N LEU A 400 15.36 7.80 0.43
CA LEU A 400 15.22 6.48 1.04
C LEU A 400 14.95 5.44 -0.03
N LEU A 401 15.60 4.29 0.11
CA LEU A 401 15.37 3.14 -0.75
C LEU A 401 14.62 2.06 0.01
N ALA A 402 13.80 1.30 -0.71
CA ALA A 402 12.99 0.25 -0.09
C ALA A 402 12.69 -0.82 -1.12
N THR A 403 12.90 -2.08 -0.74
CA THR A 403 12.57 -3.21 -1.60
C THR A 403 11.36 -3.96 -1.05
N SER A 404 10.65 -4.63 -1.96
CA SER A 404 9.45 -5.37 -1.63
C SER A 404 9.45 -6.67 -2.40
N LEU A 405 8.70 -7.65 -1.88
CA LEU A 405 8.51 -8.90 -2.60
C LEU A 405 7.74 -8.71 -3.90
N ASP A 406 7.16 -7.53 -4.13
CA ASP A 406 6.54 -7.19 -5.41
C ASP A 406 7.56 -6.97 -6.51
N GLN A 407 8.83 -7.22 -6.20
CA GLN A 407 9.91 -7.27 -7.17
C GLN A 407 10.37 -5.88 -7.59
N THR A 408 10.25 -4.90 -6.69
CA THR A 408 10.63 -3.53 -7.01
C THR A 408 11.51 -2.96 -5.92
N THR A 409 12.51 -2.19 -6.34
CA THR A 409 13.22 -1.27 -5.46
C THR A 409 12.72 0.14 -5.76
N ARG A 410 12.35 0.87 -4.72
CA ARG A 410 11.73 2.18 -4.88
C ARG A 410 12.51 3.22 -4.10
N LEU A 411 12.65 4.40 -4.70
CA LEU A 411 13.34 5.53 -4.10
C LEU A 411 12.32 6.61 -3.78
N PHE A 412 12.24 7.01 -2.51
CA PHE A 412 11.34 8.06 -2.06
C PHE A 412 12.17 9.23 -1.52
N ALA A 413 11.69 10.44 -1.77
CA ALA A 413 12.39 11.64 -1.33
C ALA A 413 11.38 12.76 -1.18
N PRO A 414 11.72 13.82 -0.44
CA PRO A 414 10.79 14.94 -0.29
C PRO A 414 10.88 15.93 -1.45
N TRP A 415 9.73 16.46 -1.83
CA TRP A 415 9.65 17.50 -2.85
C TRP A 415 9.82 18.84 -2.16
N ILE A 416 11.08 19.28 -2.02
CA ILE A 416 11.39 20.46 -1.23
C ILE A 416 11.29 21.73 -2.07
N TYR A 417 11.79 21.70 -3.31
CA TYR A 417 11.90 22.89 -4.15
C TYR A 417 11.03 22.73 -5.39
N ASP A 418 10.41 23.83 -5.81
CA ASP A 418 9.78 23.87 -7.11
C ASP A 418 10.83 24.13 -8.18
N ALA A 419 10.39 24.20 -9.45
CA ALA A 419 11.33 24.29 -10.56
C ALA A 419 12.18 25.55 -10.50
N SER A 420 11.69 26.61 -9.87
CA SER A 420 12.37 27.90 -9.85
C SER A 420 13.39 28.02 -8.72
N GLY A 421 13.64 26.95 -7.98
CA GLY A 421 14.51 27.03 -6.81
C GLY A 421 13.81 27.46 -5.53
N ARG A 422 12.57 27.94 -5.63
CA ARG A 422 11.80 28.30 -4.44
C ARG A 422 11.45 27.05 -3.64
N LYS A 423 11.31 27.23 -2.33
CA LYS A 423 11.02 26.12 -1.43
C LYS A 423 9.51 25.96 -1.30
N ARG A 424 9.03 24.75 -1.56
CA ARG A 424 7.60 24.46 -1.44
C ARG A 424 7.15 24.69 0.00
N GLU A 425 5.88 25.09 0.15
CA GLU A 425 5.36 25.35 1.49
C GLU A 425 5.44 24.11 2.36
N ILE A 426 5.02 22.97 1.82
CA ILE A 426 5.10 21.69 2.51
C ILE A 426 5.85 20.72 1.61
N ALA A 427 6.90 20.11 2.15
CA ALA A 427 7.74 19.18 1.39
C ALA A 427 7.12 17.79 1.47
N THR A 428 6.17 17.55 0.58
CA THR A 428 5.53 16.23 0.50
C THR A 428 6.46 15.25 -0.19
N TRP A 429 6.33 13.98 0.18
CA TRP A 429 7.20 12.92 -0.32
C TRP A 429 6.56 12.21 -1.51
N HIS A 430 7.42 11.79 -2.44
CA HIS A 430 6.97 11.08 -3.63
C HIS A 430 8.05 10.09 -4.05
N GLU A 431 7.63 9.09 -4.84
CA GLU A 431 8.57 8.14 -5.42
C GLU A 431 9.21 8.82 -6.63
N PHE A 432 10.50 9.13 -6.51
CA PHE A 432 11.23 9.83 -7.57
C PHE A 432 11.94 8.90 -8.54
N SER A 433 11.99 7.60 -8.24
CA SER A 433 12.68 6.67 -9.11
C SER A 433 12.34 5.25 -8.67
N ARG A 434 12.36 4.33 -9.63
CA ARG A 434 12.14 2.91 -9.40
C ARG A 434 13.35 2.17 -9.95
N PRO A 435 14.44 2.10 -9.19
CA PRO A 435 15.67 1.49 -9.73
C PRO A 435 15.49 0.08 -10.23
N GLN A 436 14.54 -0.68 -9.66
CA GLN A 436 14.34 -2.06 -10.04
C GLN A 436 12.85 -2.37 -10.09
N ILE A 437 12.45 -3.19 -11.07
CA ILE A 437 11.06 -3.56 -11.25
C ILE A 437 10.93 -5.07 -11.48
N HIS A 438 12.05 -5.74 -11.74
CA HIS A 438 12.05 -7.18 -12.01
C HIS A 438 13.10 -7.87 -11.15
N GLY A 439 12.97 -7.72 -9.83
CA GLY A 439 13.87 -8.35 -8.90
C GLY A 439 13.22 -9.49 -8.14
N TYR A 440 13.74 -10.70 -8.29
CA TYR A 440 13.15 -11.88 -7.69
C TYR A 440 13.44 -11.89 -6.19
N ASP A 441 12.42 -11.60 -5.38
CA ASP A 441 12.43 -11.91 -3.96
C ASP A 441 13.66 -11.33 -3.27
N MSE A 442 13.83 -10.02 -3.39
CA MSE A 442 14.88 -9.34 -2.64
C MSE A 442 14.44 -9.15 -1.20
O MSE A 442 13.25 -8.97 -0.93
CB MSE A 442 15.22 -7.98 -3.24
CG MSE A 442 15.74 -8.05 -4.63
SE MSE A 442 14.71 -6.81 -5.67
CE MSE A 442 16.05 -5.47 -5.94
H MSE A 442 13.36 -9.50 -3.89
HA MSE A 442 15.68 -9.88 -2.66
HB2 MSE A 442 14.41 -7.44 -3.26
HB3 MSE A 442 15.89 -7.55 -2.69
HG2 MSE A 442 16.68 -7.78 -4.65
HG3 MSE A 442 15.62 -8.94 -5.00
HE1 MSE A 442 15.67 -4.75 -6.46
HE2 MSE A 442 16.33 -5.14 -5.08
HE3 MSE A 442 16.80 -5.86 -6.41
N ILE A 443 15.40 -9.19 -0.29
CA ILE A 443 15.09 -9.07 1.13
C ILE A 443 16.10 -8.17 1.84
N CYS A 444 16.98 -7.51 1.07
CA CYS A 444 17.97 -6.64 1.68
C CYS A 444 18.46 -5.61 0.67
N VAL A 445 18.74 -4.41 1.18
CA VAL A 445 19.30 -3.31 0.39
C VAL A 445 20.25 -2.55 1.29
N GLU A 446 21.21 -1.86 0.66
CA GLU A 446 22.07 -0.96 1.39
C GLU A 446 22.73 -0.02 0.41
N THR A 447 22.90 1.23 0.84
CA THR A 447 23.49 2.26 0.00
C THR A 447 25.00 2.28 0.19
N VAL A 448 25.73 2.11 -0.91
CA VAL A 448 27.18 2.26 -0.87
C VAL A 448 27.55 3.74 -0.81
N THR A 449 27.06 4.51 -1.77
CA THR A 449 27.26 5.96 -1.78
C THR A 449 25.94 6.66 -2.03
N ASP A 450 25.98 7.99 -2.20
CA ASP A 450 24.79 8.73 -2.59
C ASP A 450 24.36 8.44 -4.01
N THR A 451 25.20 7.76 -4.81
CA THR A 451 24.90 7.51 -6.21
C THR A 451 24.97 6.04 -6.59
N ARG A 452 25.17 5.14 -5.63
CA ARG A 452 25.27 3.72 -5.91
C ARG A 452 24.75 2.93 -4.71
N PHE A 453 24.09 1.81 -4.98
CA PHE A 453 23.62 0.93 -3.93
C PHE A 453 23.74 -0.52 -4.39
N VAL A 454 23.55 -1.43 -3.44
CA VAL A 454 23.63 -2.86 -3.69
C VAL A 454 22.35 -3.51 -3.20
N SER A 455 21.94 -4.56 -3.89
CA SER A 455 20.69 -5.24 -3.57
C SER A 455 20.87 -6.74 -3.75
N GLY A 456 20.22 -7.51 -2.88
CA GLY A 456 20.32 -8.96 -2.93
C GLY A 456 19.04 -9.60 -2.45
N GLY A 457 19.00 -10.93 -2.58
CA GLY A 457 17.85 -11.71 -2.15
C GLY A 457 18.02 -13.20 -2.36
N ASP A 458 16.93 -13.88 -2.64
CA ASP A 458 16.97 -15.31 -2.94
C ASP A 458 17.34 -15.60 -4.39
N GLU A 459 17.69 -14.57 -5.16
CA GLU A 459 18.29 -14.80 -6.48
C GLU A 459 19.63 -15.50 -6.40
N LYS A 460 20.23 -15.57 -5.21
CA LYS A 460 21.58 -16.08 -5.03
C LYS A 460 22.62 -15.22 -5.75
N ILE A 461 22.22 -13.99 -6.11
CA ILE A 461 23.09 -13.05 -6.79
C ILE A 461 23.00 -11.71 -6.07
N LEU A 462 24.07 -10.94 -6.15
CA LEU A 462 24.14 -9.60 -5.55
C LEU A 462 24.34 -8.59 -6.67
N ARG A 463 23.39 -7.68 -6.82
CA ARG A 463 23.41 -6.69 -7.89
C ARG A 463 23.68 -5.30 -7.33
N SER A 464 24.44 -4.52 -8.09
CA SER A 464 24.73 -3.13 -7.74
C SER A 464 24.35 -2.23 -8.90
N PHE A 465 23.86 -1.03 -8.58
CA PHE A 465 23.33 -0.11 -9.56
C PHE A 465 23.85 1.29 -9.33
N ASP A 466 24.03 2.04 -10.41
CA ASP A 466 24.45 3.43 -10.37
C ASP A 466 23.26 4.35 -10.58
N LEU A 467 23.37 5.56 -10.06
CA LEU A 467 22.34 6.57 -10.26
C LEU A 467 22.48 7.19 -11.65
N PRO A 468 21.48 7.10 -12.51
CA PRO A 468 21.63 7.59 -13.89
C PRO A 468 21.53 9.10 -13.98
N LYS A 469 21.83 9.62 -15.18
CA LYS A 469 21.88 11.06 -15.38
C LYS A 469 20.52 11.70 -15.18
N GLY A 470 19.47 11.09 -15.71
CA GLY A 470 18.13 11.63 -15.58
C GLY A 470 17.71 11.80 -14.13
N VAL A 471 17.74 10.72 -13.37
CA VAL A 471 17.36 10.77 -11.95
C VAL A 471 18.18 11.83 -11.22
N ALA A 472 19.44 11.97 -11.59
CA ALA A 472 20.31 12.95 -10.92
C ALA A 472 19.73 14.35 -11.00
N GLY A 473 19.55 14.85 -12.23
CA GLY A 473 19.05 16.21 -12.39
C GLY A 473 17.71 16.44 -11.72
N MSE A 474 16.93 15.38 -11.54
CA MSE A 474 15.61 15.49 -10.94
C MSE A 474 15.71 15.63 -9.43
O MSE A 474 15.05 16.48 -8.83
CB MSE A 474 14.75 14.29 -11.30
CG MSE A 474 13.26 14.54 -11.18
SE MSE A 474 12.22 13.11 -11.96
CE MSE A 474 10.67 14.15 -12.54
H MSE A 474 17.14 14.58 -11.77
HA MSE A 474 15.17 16.29 -11.29
HB2 MSE A 474 14.93 14.03 -12.22
HB3 MSE A 474 14.97 13.56 -10.70
HG2 MSE A 474 13.03 14.61 -10.23
HG3 MSE A 474 13.04 15.37 -11.63
HE1 MSE A 474 10.04 13.56 -12.96
HE2 MSE A 474 10.27 14.57 -11.76
HE3 MSE A 474 10.97 14.83 -13.17
N LEU A 475 16.53 14.78 -8.82
CA LEU A 475 16.78 14.90 -7.39
C LEU A 475 17.43 16.23 -7.05
N GLN A 476 18.29 16.73 -7.93
CA GLN A 476 18.94 18.02 -7.69
C GLN A 476 17.93 19.16 -7.79
N LYS A 477 17.03 19.10 -8.77
CA LYS A 477 16.10 20.20 -9.00
C LYS A 477 15.07 20.30 -7.88
N PHE A 478 14.43 19.19 -7.54
CA PHE A 478 13.30 19.21 -6.62
C PHE A 478 13.64 18.80 -5.20
N VAL A 479 14.74 18.06 -4.99
CA VAL A 479 15.11 17.60 -3.66
C VAL A 479 16.30 18.37 -3.09
N GLY A 480 17.07 19.08 -3.92
CA GLY A 480 18.21 19.83 -3.45
C GLY A 480 19.51 19.06 -3.38
N ILE A 481 19.52 17.80 -3.82
CA ILE A 481 20.72 16.98 -3.73
C ILE A 481 21.71 17.45 -4.79
N GLN A 482 22.91 17.84 -4.35
CA GLN A 482 23.95 18.34 -5.23
C GLN A 482 25.03 17.28 -5.40
N PHE A 483 25.44 17.03 -6.65
CA PHE A 483 26.53 16.12 -6.94
C PHE A 483 26.91 16.17 -8.42
N LEU A 533 11.56 18.44 -14.75
CA LEU A 533 10.35 18.89 -15.43
C LEU A 533 9.61 19.90 -14.53
N GLU A 534 8.30 19.72 -14.33
CA GLU A 534 7.53 20.61 -13.47
C GLU A 534 7.15 19.96 -12.13
N CYS A 535 7.24 18.65 -12.01
CA CYS A 535 6.79 17.96 -10.80
C CYS A 535 7.44 16.58 -10.79
N PRO A 536 7.34 15.86 -9.66
CA PRO A 536 7.94 14.52 -9.58
C PRO A 536 7.42 13.60 -10.66
N PRO A 537 7.94 12.37 -10.74
CA PRO A 537 7.65 11.52 -11.89
C PRO A 537 6.22 11.02 -11.92
N MSE A 538 5.78 10.67 -13.13
CA MSE A 538 4.51 9.98 -13.34
C MSE A 538 4.75 8.48 -13.32
O MSE A 538 5.89 8.04 -13.45
CB MSE A 538 3.87 10.41 -14.65
CG MSE A 538 2.50 11.03 -14.53
SE MSE A 538 2.46 12.74 -13.61
CE MSE A 538 3.66 13.75 -14.78
H MSE A 538 6.21 10.83 -13.86
HA MSE A 538 3.90 10.22 -12.61
HB2 MSE A 538 4.45 11.07 -15.08
HB3 MSE A 538 3.79 9.63 -15.23
HG2 MSE A 538 2.14 11.17 -15.43
HG3 MSE A 538 1.92 10.42 -14.05
HE1 MSE A 538 3.75 14.65 -14.44
HE2 MSE A 538 4.53 13.31 -14.79
HE3 MSE A 538 3.28 13.76 -15.68
N GLU A 539 3.69 7.69 -13.17
CA GLU A 539 3.84 6.24 -13.19
C GLU A 539 4.42 5.76 -14.51
N ASP A 540 4.13 6.47 -15.60
CA ASP A 540 4.70 6.12 -16.90
C ASP A 540 6.23 6.13 -16.85
N GLN A 541 6.81 7.20 -16.28
CA GLN A 541 8.25 7.34 -16.26
C GLN A 541 8.88 6.42 -15.21
N LEU A 542 8.13 6.04 -14.19
CA LEU A 542 8.69 5.19 -13.14
C LEU A 542 8.84 3.75 -13.59
N GLN A 543 8.03 3.31 -14.55
CA GLN A 543 8.00 1.91 -14.95
C GLN A 543 9.03 1.56 -16.01
N ARG A 544 9.58 2.55 -16.74
CA ARG A 544 10.48 2.19 -17.83
C ARG A 544 11.42 3.32 -18.24
N HIS A 545 11.60 4.36 -17.45
CA HIS A 545 12.53 5.42 -17.80
C HIS A 545 13.53 5.73 -16.69
N LEU A 546 13.11 5.65 -15.42
CA LEU A 546 13.96 5.98 -14.29
C LEU A 546 14.61 4.75 -13.68
N LEU A 547 14.89 3.74 -14.48
CA LEU A 547 15.57 2.55 -13.99
C LEU A 547 17.07 2.79 -13.91
N TRP A 548 17.70 2.26 -12.86
CA TRP A 548 19.13 2.42 -12.69
C TRP A 548 19.88 1.33 -13.44
N PRO A 549 20.95 1.66 -14.18
CA PRO A 549 21.69 0.62 -14.91
C PRO A 549 22.49 -0.24 -13.95
N GLU A 550 22.32 -1.55 -14.09
CA GLU A 550 23.13 -2.49 -13.31
C GLU A 550 24.58 -2.40 -13.76
N VAL A 551 25.48 -2.29 -12.79
CA VAL A 551 26.90 -2.12 -13.09
C VAL A 551 27.75 -3.30 -12.65
N GLU A 552 27.25 -4.14 -11.73
CA GLU A 552 28.05 -5.23 -11.21
C GLU A 552 27.17 -6.42 -10.85
N LYS A 553 27.63 -7.61 -11.19
CA LYS A 553 27.03 -8.86 -10.76
C LYS A 553 27.99 -9.58 -9.82
N LEU A 554 27.53 -9.91 -8.63
CA LEU A 554 28.29 -10.67 -7.66
C LEU A 554 27.56 -11.97 -7.37
N TYR A 555 28.28 -13.08 -7.40
CA TYR A 555 27.70 -14.41 -7.27
C TYR A 555 28.02 -14.97 -5.88
N GLY A 556 26.99 -15.34 -5.14
CA GLY A 556 27.16 -16.03 -3.89
C GLY A 556 27.48 -17.51 -4.04
N HIS A 557 27.71 -17.97 -5.26
CA HIS A 557 28.01 -19.37 -5.55
C HIS A 557 26.90 -20.29 -5.03
N GLY A 558 25.65 -19.84 -5.18
CA GLY A 558 24.50 -20.66 -4.86
C GLY A 558 23.97 -20.52 -3.45
N PHE A 559 24.39 -19.49 -2.71
CA PHE A 559 23.95 -19.28 -1.34
C PHE A 559 23.06 -18.06 -1.26
N GLU A 560 21.89 -18.21 -0.65
CA GLU A 560 20.95 -17.11 -0.52
C GLU A 560 21.51 -16.04 0.42
N ILE A 561 21.27 -14.79 0.06
CA ILE A 561 21.68 -13.64 0.87
C ILE A 561 20.57 -13.29 1.84
N THR A 562 20.94 -12.74 2.99
CA THR A 562 19.96 -12.39 4.02
C THR A 562 20.07 -10.93 4.44
N CYS A 563 21.27 -10.35 4.33
CA CYS A 563 21.46 -8.94 4.67
C CYS A 563 22.89 -8.56 4.31
N LEU A 564 23.18 -7.26 4.45
CA LEU A 564 24.53 -6.76 4.20
C LEU A 564 24.66 -5.37 4.81
N ASP A 565 25.89 -4.86 4.80
CA ASP A 565 26.18 -3.54 5.33
C ASP A 565 27.44 -3.00 4.66
N ILE A 566 27.58 -1.67 4.69
CA ILE A 566 28.73 -0.99 4.13
C ILE A 566 29.58 -0.46 5.27
N SER A 567 30.90 -0.53 5.10
CA SER A 567 31.80 0.07 6.07
C SER A 567 31.67 1.60 5.99
N PRO A 568 31.87 2.29 7.11
CA PRO A 568 31.77 3.77 7.07
C PRO A 568 32.56 4.40 5.94
N ASP A 569 33.78 3.91 5.67
CA ASP A 569 34.58 4.47 4.59
C ASP A 569 34.07 4.08 3.21
N GLN A 570 32.97 3.34 3.11
CA GLN A 570 32.36 2.99 1.84
C GLN A 570 33.26 2.11 0.97
N LYS A 571 34.25 1.46 1.57
CA LYS A 571 35.22 0.66 0.84
C LYS A 571 34.96 -0.84 0.95
N LEU A 572 34.03 -1.27 1.79
CA LEU A 572 33.80 -2.69 2.04
C LEU A 572 32.31 -3.03 1.98
N ILE A 573 32.01 -4.14 1.32
CA ILE A 573 30.72 -4.80 1.42
C ILE A 573 30.86 -5.97 2.39
N ALA A 574 29.82 -6.22 3.17
CA ALA A 574 29.75 -7.41 4.02
C ALA A 574 28.41 -8.09 3.73
N SER A 575 28.46 -9.26 3.10
CA SER A 575 27.25 -9.96 2.68
C SER A 575 27.05 -11.19 3.55
N ALA A 576 25.87 -11.32 4.13
CA ALA A 576 25.51 -12.46 4.96
C ALA A 576 24.74 -13.47 4.12
N CYS A 577 25.27 -14.68 4.02
CA CYS A 577 24.62 -15.77 3.30
C CYS A 577 24.19 -16.82 4.31
N ARG A 578 22.98 -17.35 4.12
CA ARG A 578 22.42 -18.28 5.09
C ARG A 578 22.73 -19.72 4.70
N SER A 579 22.58 -20.61 5.68
CA SER A 579 22.96 -22.01 5.50
C SER A 579 21.99 -22.72 4.56
N ASN A 580 22.53 -23.65 3.76
CA ASN A 580 21.73 -24.58 2.98
C ASN A 580 21.45 -25.87 3.75
N ASN A 581 21.44 -25.81 5.08
CA ASN A 581 21.29 -26.96 5.96
C ASN A 581 22.43 -27.96 5.84
N VAL A 582 23.46 -27.64 5.06
CA VAL A 582 24.67 -28.45 4.99
C VAL A 582 25.81 -27.60 5.54
N GLN A 583 26.29 -26.66 4.74
CA GLN A 583 27.22 -25.66 5.25
C GLN A 583 26.45 -24.63 6.07
N ASN A 584 27.14 -24.02 7.02
CA ASN A 584 26.54 -23.02 7.89
C ASN A 584 26.55 -21.66 7.19
N ALA A 585 26.05 -20.64 7.90
CA ALA A 585 26.10 -19.28 7.38
C ALA A 585 27.55 -18.86 7.17
N VAL A 586 27.72 -17.80 6.37
CA VAL A 586 29.05 -17.28 6.06
C VAL A 586 28.90 -15.80 5.72
N ILE A 587 29.94 -15.03 6.05
CA ILE A 587 30.01 -13.62 5.70
C ILE A 587 31.07 -13.46 4.63
N ARG A 588 30.68 -12.87 3.49
CA ARG A 588 31.58 -12.62 2.38
C ARG A 588 31.88 -11.13 2.31
N ILE A 589 33.16 -10.79 2.17
CA ILE A 589 33.62 -9.40 2.12
C ILE A 589 34.05 -9.10 0.69
N PHE A 590 33.56 -7.99 0.15
CA PHE A 590 33.92 -7.54 -1.19
C PHE A 590 34.41 -6.10 -1.13
N SER A 591 35.36 -5.78 -2.02
CA SER A 591 35.87 -4.43 -2.14
C SER A 591 35.01 -3.65 -3.11
N THR A 592 34.64 -2.42 -2.74
CA THR A 592 33.84 -1.58 -3.61
C THR A 592 34.64 -1.03 -4.77
N GLU A 593 35.98 -1.05 -4.69
CA GLU A 593 36.81 -0.52 -5.77
C GLU A 593 36.92 -1.52 -6.92
N ASN A 594 37.44 -2.71 -6.66
CA ASN A 594 37.64 -3.73 -7.67
C ASN A 594 36.55 -4.79 -7.68
N TRP A 595 35.61 -4.74 -6.73
CA TRP A 595 34.49 -5.68 -6.68
C TRP A 595 34.97 -7.13 -6.67
N LEU A 596 36.14 -7.37 -6.09
CA LEU A 596 36.65 -8.72 -5.89
C LEU A 596 36.51 -9.10 -4.43
N GLU A 597 36.18 -10.37 -4.19
CA GLU A 597 36.02 -10.86 -2.83
C GLU A 597 37.36 -10.83 -2.10
N ILE A 598 37.32 -10.49 -0.82
CA ILE A 598 38.47 -10.57 0.05
C ILE A 598 38.41 -11.94 0.72
N LYS A 599 39.32 -12.83 0.32
CA LYS A 599 39.06 -14.26 0.31
C LYS A 599 38.90 -14.92 1.69
N PRO A 600 39.55 -14.43 2.76
CA PRO A 600 39.27 -15.07 4.07
C PRO A 600 37.81 -14.90 4.47
N ALA A 601 36.96 -15.85 4.08
CA ALA A 601 35.55 -15.78 4.41
C ALA A 601 35.32 -16.17 5.87
N LEU A 602 34.31 -15.56 6.48
CA LEU A 602 34.05 -15.74 7.89
C LEU A 602 33.04 -16.88 8.08
N PRO A 603 33.41 -17.99 8.72
CA PRO A 603 32.46 -19.08 8.91
C PRO A 603 31.70 -18.91 10.23
N PHE A 604 30.65 -19.72 10.38
CA PHE A 604 29.80 -19.68 11.56
C PHE A 604 29.41 -21.08 11.97
N HIS A 605 29.05 -21.20 13.26
CA HIS A 605 28.29 -22.34 13.76
C HIS A 605 26.81 -22.01 13.86
N SER A 606 26.31 -21.15 12.98
CA SER A 606 24.93 -20.71 12.98
C SER A 606 24.37 -20.85 11.57
N LEU A 607 23.04 -20.82 11.45
CA LEU A 607 22.38 -21.05 10.18
C LEU A 607 22.01 -19.76 9.46
N THR A 608 21.40 -18.80 10.16
CA THR A 608 20.86 -17.60 9.53
C THR A 608 21.32 -16.37 10.28
N ILE A 609 22.18 -15.57 9.65
CA ILE A 609 22.51 -14.25 10.15
C ILE A 609 21.38 -13.31 9.79
N THR A 610 20.84 -12.63 10.79
CA THR A 610 19.70 -11.73 10.57
C THR A 610 20.13 -10.29 10.35
N ARG A 611 21.33 -9.89 10.78
CA ARG A 611 21.76 -8.51 10.62
C ARG A 611 23.25 -8.35 10.87
N LEU A 612 23.94 -7.71 9.93
CA LEU A 612 25.33 -7.30 10.09
C LEU A 612 25.39 -5.79 10.29
N LYS A 613 26.39 -5.34 11.03
CA LYS A 613 26.55 -3.90 11.27
C LYS A 613 28.02 -3.58 11.54
N PHE A 614 28.61 -2.78 10.66
CA PHE A 614 29.92 -2.21 10.92
C PHE A 614 29.82 -1.18 12.02
N SER A 615 30.78 -1.21 12.95
CA SER A 615 30.83 -0.19 13.98
C SER A 615 31.04 1.19 13.34
N LYS A 616 30.87 2.23 14.14
CA LYS A 616 30.97 3.59 13.63
C LYS A 616 32.36 3.88 13.07
N ASP A 617 33.39 3.35 13.72
CA ASP A 617 34.77 3.55 13.28
C ASP A 617 35.24 2.48 12.31
N GLY A 618 34.37 1.56 11.90
CA GLY A 618 34.74 0.50 11.00
C GLY A 618 35.66 -0.55 11.59
N LYS A 619 35.97 -0.48 12.89
CA LYS A 619 36.92 -1.41 13.49
C LYS A 619 36.34 -2.81 13.62
N PHE A 620 35.03 -2.93 13.80
CA PHE A 620 34.40 -4.21 14.08
C PHE A 620 33.20 -4.43 13.17
N LEU A 621 32.81 -5.69 13.05
CA LEU A 621 31.64 -6.08 12.27
C LEU A 621 30.72 -6.89 13.19
N LEU A 622 29.60 -6.30 13.57
CA LEU A 622 28.66 -6.96 14.48
C LEU A 622 27.82 -7.98 13.73
N SER A 623 27.43 -9.04 14.43
CA SER A 623 26.70 -10.14 13.85
C SER A 623 25.67 -10.66 14.85
N VAL A 624 24.46 -10.91 14.37
CA VAL A 624 23.39 -11.48 15.18
C VAL A 624 22.68 -12.53 14.35
N CYS A 625 22.32 -13.65 14.98
CA CYS A 625 21.83 -14.82 14.27
C CYS A 625 20.50 -15.27 14.87
N ARG A 626 19.81 -16.13 14.11
CA ARG A 626 18.54 -16.68 14.57
C ARG A 626 18.71 -17.54 15.81
N ASP A 627 19.85 -18.22 15.94
CA ASP A 627 20.08 -19.13 17.05
C ASP A 627 20.53 -18.41 18.32
N ARG A 628 20.20 -17.13 18.46
CA ARG A 628 20.25 -16.39 19.72
C ARG A 628 21.62 -15.82 20.06
N LYS A 629 22.61 -15.92 19.19
CA LYS A 629 23.97 -15.49 19.49
C LYS A 629 24.29 -14.18 18.79
N TRP A 630 25.34 -13.52 19.27
CA TRP A 630 25.98 -12.44 18.55
C TRP A 630 27.49 -12.61 18.61
N ALA A 631 28.17 -12.15 17.56
CA ALA A 631 29.62 -12.27 17.45
C ALA A 631 30.19 -11.03 16.80
N LEU A 632 31.28 -10.51 17.36
CA LEU A 632 31.98 -9.34 16.84
C LEU A 632 33.26 -9.78 16.16
N TRP A 633 33.47 -9.29 14.94
CA TRP A 633 34.65 -9.63 14.15
C TRP A 633 35.56 -8.41 14.08
N GLU A 634 36.76 -8.53 14.62
CA GLU A 634 37.71 -7.43 14.62
C GLU A 634 38.38 -7.30 13.26
N ARG A 635 38.50 -6.08 12.78
CA ARG A 635 38.99 -5.79 11.44
C ARG A 635 40.45 -5.40 11.46
N ASN A 636 41.22 -5.95 10.52
CA ASN A 636 42.61 -5.57 10.30
C ASN A 636 42.63 -4.42 9.30
N MSE A 637 42.93 -3.22 9.78
CA MSE A 637 42.80 -2.02 8.96
C MSE A 637 43.80 -1.95 7.81
O MSE A 637 43.72 -1.07 6.95
CB MSE A 637 42.97 -0.77 9.84
CG MSE A 637 41.88 -0.58 10.89
SE MSE A 637 40.08 -0.47 10.13
CE MSE A 637 40.38 0.87 8.76
H MSE A 637 43.20 -3.07 10.59
HA MSE A 637 41.91 -1.98 8.59
HB2 MSE A 637 43.82 -0.84 10.31
HB3 MSE A 637 42.97 0.02 9.26
HG2 MSE A 637 41.90 -1.33 11.50
HG3 MSE A 637 42.05 0.24 11.37
HE1 MSE A 637 39.55 1.04 8.29
HE2 MSE A 637 40.69 1.69 9.18
HE3 MSE A 637 41.06 0.55 8.14
N GLU A 638 44.74 -2.89 7.77
CA GLU A 638 45.76 -2.93 6.72
C GLU A 638 45.47 -3.97 5.64
N ASP A 639 45.05 -5.17 6.03
CA ASP A 639 44.72 -6.23 5.10
C ASP A 639 43.23 -6.30 4.77
N ASN A 640 42.38 -5.57 5.50
CA ASN A 640 40.93 -5.66 5.33
C ASN A 640 40.43 -7.08 5.55
N THR A 641 41.06 -7.77 6.49
CA THR A 641 40.64 -9.10 6.93
C THR A 641 39.98 -9.00 8.30
N PHE A 642 39.44 -10.11 8.77
CA PHE A 642 38.69 -10.12 10.01
C PHE A 642 39.04 -11.37 10.81
N GLU A 643 38.90 -11.25 12.14
CA GLU A 643 39.14 -12.34 13.07
C GLU A 643 38.11 -12.27 14.19
N LEU A 644 37.50 -13.40 14.51
CA LEU A 644 36.58 -13.46 15.64
C LEU A 644 37.29 -12.99 16.89
N ARG A 645 36.67 -12.03 17.60
CA ARG A 645 37.26 -11.45 18.80
C ARG A 645 36.36 -11.52 20.02
N PHE A 646 35.06 -11.30 19.85
CA PHE A 646 34.11 -11.40 20.95
C PHE A 646 32.89 -12.19 20.48
N LYS A 647 32.32 -12.97 21.39
CA LYS A 647 31.10 -13.73 21.09
C LYS A 647 30.31 -13.94 22.38
N ASN A 648 29.03 -14.22 22.22
CA ASN A 648 28.14 -14.49 23.35
C ASN A 648 27.09 -15.49 22.89
N GLU A 649 27.03 -16.65 23.54
CA GLU A 649 26.16 -17.73 23.13
C GLU A 649 24.82 -17.72 23.85
N LYS A 650 24.66 -16.93 24.90
CA LYS A 650 23.38 -16.79 25.61
C LYS A 650 23.13 -15.32 25.95
N PRO A 651 23.12 -14.44 24.94
CA PRO A 651 22.74 -13.04 25.20
C PRO A 651 21.23 -12.85 25.19
N HIS A 652 20.53 -13.67 24.40
CA HIS A 652 19.09 -13.60 24.26
C HIS A 652 18.48 -14.99 24.38
N THR A 653 17.17 -15.01 24.62
CA THR A 653 16.43 -16.25 24.76
C THR A 653 15.84 -16.77 23.46
N ARG A 654 15.62 -15.88 22.49
CA ARG A 654 15.00 -16.26 21.23
C ARG A 654 15.76 -15.57 20.10
N ILE A 655 15.21 -15.66 18.88
CA ILE A 655 15.85 -15.05 17.72
C ILE A 655 16.21 -13.61 18.03
N ILE A 656 17.40 -13.21 17.57
CA ILE A 656 17.80 -11.81 17.53
C ILE A 656 17.49 -11.30 16.14
N TRP A 657 16.59 -10.31 16.04
CA TRP A 657 16.11 -9.84 14.75
C TRP A 657 16.93 -8.68 14.18
N ASP A 658 17.49 -7.82 15.04
CA ASP A 658 18.10 -6.60 14.53
C ASP A 658 19.09 -6.06 15.57
N ALA A 659 20.04 -5.29 15.09
CA ALA A 659 21.04 -4.67 15.95
C ALA A 659 21.51 -3.37 15.30
N ASP A 660 22.18 -2.54 16.09
CA ASP A 660 22.67 -1.26 15.58
C ASP A 660 23.64 -0.68 16.60
N TRP A 661 24.66 0.01 16.10
CA TRP A 661 25.63 0.69 16.94
C TRP A 661 25.13 2.07 17.32
N ALA A 662 25.72 2.62 18.36
CA ALA A 662 25.45 3.98 18.81
C ALA A 662 26.60 4.90 18.45
N PRO A 663 26.37 6.21 18.42
CA PRO A 663 27.45 7.16 18.10
C PRO A 663 28.64 6.98 19.04
N LEU A 664 29.85 7.10 18.47
CA LEU A 664 31.06 6.93 19.25
C LEU A 664 31.11 7.91 20.42
N GLU A 665 30.58 9.12 20.23
CA GLU A 665 30.58 10.09 21.33
C GLU A 665 29.84 9.56 22.54
N PHE A 666 28.97 8.57 22.36
CA PHE A 666 28.28 7.95 23.48
C PHE A 666 29.13 6.86 24.13
N GLY A 667 29.98 6.21 23.36
CA GLY A 667 30.84 5.16 23.84
C GLY A 667 30.95 4.04 22.82
N ASN A 668 31.50 2.91 23.27
CA ASN A 668 31.65 1.72 22.44
C ASN A 668 30.46 0.81 22.77
N VAL A 669 29.36 1.01 22.04
CA VAL A 669 28.07 0.44 22.41
C VAL A 669 27.35 -0.06 21.16
N PHE A 670 26.66 -1.19 21.30
CA PHE A 670 25.71 -1.64 20.30
C PHE A 670 24.49 -2.19 21.03
N VAL A 671 23.38 -2.26 20.29
CA VAL A 671 22.09 -2.67 20.85
C VAL A 671 21.56 -3.83 20.03
N THR A 672 20.85 -4.74 20.70
CA THR A 672 20.25 -5.90 20.06
C THR A 672 18.74 -5.90 20.31
N ALA A 673 18.02 -6.54 19.39
CA ALA A 673 16.56 -6.66 19.47
C ALA A 673 16.17 -8.08 19.10
N SER A 674 15.32 -8.69 19.92
CA SER A 674 15.12 -10.13 19.86
C SER A 674 13.66 -10.50 19.96
N ARG A 675 13.36 -11.70 19.45
CA ARG A 675 12.03 -12.28 19.56
C ARG A 675 11.63 -12.51 21.01
N ASP A 676 12.60 -12.54 21.93
CA ASP A 676 12.31 -12.69 23.35
C ASP A 676 11.78 -11.41 23.99
N LYS A 677 11.38 -10.43 23.18
CA LYS A 677 10.63 -9.25 23.59
C LYS A 677 11.49 -8.19 24.28
N THR A 678 12.83 -8.33 24.26
CA THR A 678 13.69 -7.41 24.98
C THR A 678 14.65 -6.69 24.02
N VAL A 679 15.02 -5.48 24.41
CA VAL A 679 16.09 -4.73 23.78
C VAL A 679 17.23 -4.59 24.78
N LYS A 680 18.42 -5.01 24.39
CA LYS A 680 19.58 -5.05 25.29
C LYS A 680 20.70 -4.17 24.75
N VAL A 681 21.39 -3.51 25.67
CA VAL A 681 22.49 -2.60 25.34
C VAL A 681 23.79 -3.23 25.83
N TRP A 682 24.80 -3.24 24.97
CA TRP A 682 26.07 -3.89 25.25
C TRP A 682 27.20 -2.87 25.12
N ARG A 683 27.93 -2.64 26.21
CA ARG A 683 29.03 -1.70 26.24
C ARG A 683 30.34 -2.43 26.45
N HIS A 684 31.38 -1.98 25.77
CA HIS A 684 32.70 -2.58 25.90
C HIS A 684 33.37 -2.10 27.17
N GLN A 685 34.06 -3.03 27.85
CA GLN A 685 34.80 -2.71 29.06
C GLN A 685 36.13 -3.44 29.03
N LYS A 686 37.20 -2.73 29.37
CA LYS A 686 38.52 -3.36 29.53
C LYS A 686 38.66 -4.06 30.86
N GLU A 687 37.88 -3.66 31.88
CA GLU A 687 37.88 -4.29 33.19
C GLU A 687 37.66 -5.79 33.02
N PRO A 688 37.90 -6.61 34.05
CA PRO A 688 37.94 -8.04 33.75
C PRO A 688 36.56 -8.60 33.37
N ALA A 689 36.36 -9.15 32.17
CA ALA A 689 37.35 -9.33 31.13
C ALA A 689 37.14 -8.36 29.98
N ASP A 690 38.04 -8.41 28.99
CA ASP A 690 37.90 -7.60 27.77
C ASP A 690 36.77 -8.18 26.94
N ASP A 691 35.62 -7.52 26.95
CA ASP A 691 34.44 -8.04 26.29
C ASP A 691 33.34 -7.00 26.36
N TYR A 692 32.32 -7.18 25.52
CA TYR A 692 31.10 -6.36 25.58
C TYR A 692 30.13 -7.03 26.54
N VAL A 693 29.77 -6.33 27.61
CA VAL A 693 28.92 -6.87 28.66
C VAL A 693 27.56 -6.19 28.62
N LEU A 694 26.58 -6.86 29.24
CA LEU A 694 25.22 -6.34 29.27
C LEU A 694 25.14 -5.15 30.23
N GLU A 695 24.59 -4.05 29.74
CA GLU A 695 24.45 -2.83 30.52
C GLU A 695 23.03 -2.56 30.97
N ALA A 696 22.04 -2.77 30.10
CA ALA A 696 20.64 -2.52 30.44
C ALA A 696 19.76 -3.30 29.49
N SER A 697 18.50 -3.49 29.90
CA SER A 697 17.55 -4.24 29.13
C SER A 697 16.16 -3.64 29.35
N ILE A 698 15.25 -3.93 28.42
CA ILE A 698 13.89 -3.43 28.51
C ILE A 698 12.97 -4.40 27.80
N LYS A 699 11.87 -4.77 28.47
CA LYS A 699 10.93 -5.77 28.00
C LYS A 699 9.74 -5.10 27.31
N HIS A 700 9.18 -5.79 26.33
CA HIS A 700 8.04 -5.30 25.57
C HIS A 700 6.89 -6.31 25.63
N THR A 701 5.79 -5.96 24.97
CA THR A 701 4.62 -6.84 24.92
C THR A 701 4.77 -7.92 23.87
N LYS A 702 5.41 -7.60 22.75
CA LYS A 702 5.53 -8.50 21.61
C LYS A 702 7.00 -8.60 21.21
N ALA A 703 7.27 -9.43 20.21
CA ALA A 703 8.63 -9.58 19.70
C ALA A 703 9.11 -8.28 19.08
N VAL A 704 10.37 -7.93 19.35
CA VAL A 704 11.00 -6.76 18.76
C VAL A 704 11.72 -7.20 17.51
N THR A 705 11.39 -6.58 16.37
CA THR A 705 11.89 -7.00 15.07
C THR A 705 12.80 -5.97 14.41
N ALA A 706 12.83 -4.74 14.88
CA ALA A 706 13.65 -3.70 14.27
C ALA A 706 14.07 -2.70 15.33
N ILE A 707 15.22 -2.08 15.11
CA ILE A 707 15.76 -1.10 16.04
C ILE A 707 16.71 -0.20 15.28
N SER A 708 16.76 1.07 15.67
CA SER A 708 17.61 2.03 15.00
C SER A 708 18.03 3.12 15.97
N ILE A 709 19.32 3.39 16.02
CA ILE A 709 19.88 4.49 16.81
C ILE A 709 20.24 5.62 15.87
N HIS A 710 19.90 6.85 16.25
CA HIS A 710 20.14 8.00 15.40
C HIS A 710 21.64 8.30 15.34
N ASP A 711 22.09 8.75 14.17
CA ASP A 711 23.51 9.02 13.97
C ASP A 711 24.02 10.07 14.93
N SER A 712 23.24 11.14 15.13
CA SER A 712 23.58 12.18 16.08
C SER A 712 22.99 11.90 17.45
N MSE A 713 23.37 12.71 18.42
CA MSE A 713 22.83 12.60 19.77
C MSE A 713 21.88 13.75 20.06
O MSE A 713 22.15 14.90 19.70
CB MSE A 713 23.95 12.56 20.80
CG MSE A 713 24.78 11.30 20.74
SE MSE A 713 25.99 11.14 22.25
CE MSE A 713 24.68 11.01 23.70
H MSE A 713 23.94 13.34 18.33
HA MSE A 713 22.33 11.77 19.84
HB2 MSE A 713 24.55 13.32 20.64
HB3 MSE A 713 23.57 12.63 21.69
HG2 MSE A 713 24.18 10.53 20.75
HG3 MSE A 713 25.31 11.30 19.93
HE1 MSE A 713 25.15 10.93 24.54
HE2 MSE A 713 24.14 11.81 23.69
HE3 MSE A 713 24.12 10.24 23.54
N ILE A 714 20.76 13.44 20.72
CA ILE A 714 19.69 14.39 20.96
C ILE A 714 19.58 14.59 22.46
N ARG A 715 19.71 15.83 22.91
CA ARG A 715 19.55 16.19 24.32
C ARG A 715 20.50 15.39 25.21
N GLU A 716 21.75 15.25 24.77
CA GLU A 716 22.84 14.63 25.51
C GLU A 716 22.65 13.13 25.72
N LYS A 717 21.62 12.54 25.12
CA LYS A 717 21.40 11.09 25.14
C LYS A 717 21.34 10.60 23.70
N ILE A 718 21.12 9.29 23.54
CA ILE A 718 20.94 8.70 22.24
C ILE A 718 19.45 8.45 22.02
N LEU A 719 19.05 8.40 20.75
CA LEU A 719 17.66 8.22 20.36
C LEU A 719 17.49 6.85 19.72
N ILE A 720 16.60 6.04 20.28
CA ILE A 720 16.39 4.67 19.83
C ILE A 720 14.93 4.51 19.43
N SER A 721 14.71 4.05 18.19
CA SER A 721 13.39 3.66 17.72
C SER A 721 13.29 2.14 17.74
N VAL A 722 12.11 1.64 18.12
CA VAL A 722 11.90 0.22 18.39
C VAL A 722 10.65 -0.23 17.67
N GLY A 723 10.78 -1.26 16.83
CA GLY A 723 9.67 -1.81 16.07
C GLY A 723 9.31 -3.19 16.55
N LEU A 724 8.02 -3.43 16.73
CA LEU A 724 7.51 -4.70 17.23
C LEU A 724 6.87 -5.53 16.11
N GLU A 725 6.62 -6.80 16.42
CA GLU A 725 6.09 -7.72 15.43
C GLU A 725 4.67 -7.36 15.01
N ASN A 726 3.92 -6.68 15.87
CA ASN A 726 2.53 -6.36 15.57
C ASN A 726 2.37 -5.00 14.90
N GLY A 727 3.46 -4.23 14.76
CA GLY A 727 3.42 -2.95 14.10
C GLY A 727 3.72 -1.76 15.00
N GLU A 728 3.65 -1.95 16.31
CA GLU A 728 3.86 -0.84 17.23
C GLU A 728 5.28 -0.29 17.09
N ILE A 729 5.41 1.01 17.34
CA ILE A 729 6.71 1.69 17.31
C ILE A 729 6.86 2.48 18.60
N TYR A 730 8.06 2.43 19.17
CA TYR A 730 8.40 3.17 20.38
C TYR A 730 9.63 4.00 20.12
N LEU A 731 9.67 5.20 20.73
CA LEU A 731 10.83 6.08 20.68
C LEU A 731 11.37 6.26 22.10
N TYR A 732 12.62 5.86 22.30
CA TYR A 732 13.28 5.96 23.59
C TYR A 732 14.44 6.94 23.52
N SER A 733 14.73 7.56 24.66
CA SER A 733 16.01 8.19 24.91
C SER A 733 16.75 7.32 25.90
N TYR A 734 17.98 6.95 25.59
CA TYR A 734 18.78 6.08 26.45
C TYR A 734 20.03 6.79 26.92
N THR A 735 20.22 6.82 28.23
CA THR A 735 21.50 7.17 28.83
C THR A 735 22.00 5.96 29.62
N LEU A 736 23.25 6.01 30.06
CA LEU A 736 23.88 4.86 30.69
C LEU A 736 22.97 4.23 31.75
N GLY A 737 22.44 3.05 31.43
CA GLY A 737 21.73 2.23 32.40
C GLY A 737 20.26 2.55 32.58
N LYS A 738 19.70 3.50 31.83
CA LYS A 738 18.30 3.87 31.99
C LYS A 738 17.70 4.19 30.63
N PHE A 739 16.62 3.49 30.28
CA PHE A 739 15.79 3.87 29.15
C PHE A 739 14.75 4.88 29.60
N GLU A 740 14.28 5.70 28.66
CA GLU A 740 13.28 6.72 28.93
C GLU A 740 12.31 6.76 27.76
N LEU A 741 11.04 6.43 28.02
CA LEU A 741 10.03 6.40 26.98
C LEU A 741 9.68 7.82 26.57
N ILE A 742 10.10 8.23 25.36
CA ILE A 742 9.69 9.52 24.83
C ILE A 742 8.21 9.48 24.47
N THR A 743 7.79 8.45 23.74
CA THR A 743 6.40 8.23 23.41
C THR A 743 6.23 6.96 22.59
N GLN A 744 5.08 6.32 22.72
CA GLN A 744 4.67 5.27 21.79
C GLN A 744 3.79 5.90 20.72
N LEU A 745 4.20 5.74 19.46
CA LEU A 745 3.45 6.34 18.36
C LEU A 745 1.99 5.92 18.43
N ASN A 746 1.11 6.89 18.22
CA ASN A 746 -0.33 6.63 18.29
C ASN A 746 -0.69 5.44 17.41
N GLU A 747 -1.63 4.63 17.89
CA GLU A 747 -2.02 3.43 17.16
C GLU A 747 -2.60 3.73 15.77
N ASP A 748 -2.95 4.99 15.50
CA ASP A 748 -3.59 5.35 14.25
C ASP A 748 -2.61 5.77 13.16
N ILE A 749 -1.31 5.80 13.44
CA ILE A 749 -0.32 6.24 12.47
C ILE A 749 0.75 5.17 12.26
N THR A 750 0.70 4.11 13.07
CA THR A 750 1.69 3.05 12.97
C THR A 750 1.26 2.01 11.95
N PRO A 751 2.19 1.22 11.43
CA PRO A 751 1.82 0.13 10.53
C PRO A 751 0.89 -0.87 11.21
N ALA A 752 0.27 -1.73 10.39
CA ALA A 752 -0.66 -2.73 10.86
C ALA A 752 -0.04 -4.12 10.93
N ASP A 753 1.27 -4.25 10.80
CA ASP A 753 1.90 -5.56 10.81
C ASP A 753 3.40 -5.39 11.09
N LYS A 754 4.13 -6.51 10.97
CA LYS A 754 5.53 -6.58 11.36
C LYS A 754 6.36 -5.46 10.73
N ILE A 755 7.05 -4.70 11.58
CA ILE A 755 8.03 -3.74 11.11
C ILE A 755 9.28 -4.52 10.71
N THR A 756 9.61 -4.51 9.42
CA THR A 756 10.74 -5.27 8.92
C THR A 756 12.06 -4.52 9.02
N ARG A 757 12.03 -3.19 9.11
CA ARG A 757 13.26 -2.42 9.26
C ARG A 757 12.92 -1.02 9.76
N LEU A 758 13.74 -0.53 10.69
CA LEU A 758 13.68 0.84 11.16
C LEU A 758 15.01 1.52 10.89
N ARG A 759 14.97 2.75 10.38
CA ARG A 759 16.18 3.44 9.98
C ARG A 759 15.99 4.94 10.16
N TRP A 760 16.79 5.54 11.03
CA TRP A 760 16.87 6.99 11.09
C TRP A 760 17.65 7.52 9.90
N SER A 761 17.43 8.79 9.58
CA SER A 761 18.14 9.45 8.50
C SER A 761 19.26 10.30 9.10
N HIS A 762 20.46 10.20 8.51
CA HIS A 762 21.56 11.02 8.98
C HIS A 762 21.22 12.50 8.95
N LEU A 763 20.31 12.90 8.06
CA LEU A 763 20.05 14.30 7.80
C LEU A 763 19.15 14.91 8.87
N LYS A 764 19.50 16.13 9.27
CA LYS A 764 18.63 16.97 10.09
C LYS A 764 18.13 18.12 9.22
N ARG A 765 16.82 18.26 9.12
CA ARG A 765 16.22 19.20 8.20
C ARG A 765 14.99 19.84 8.84
N ASN A 766 14.83 21.14 8.61
CA ASN A 766 13.65 21.87 9.08
C ASN A 766 13.45 21.68 10.58
N GLY A 767 14.55 21.57 11.32
CA GLY A 767 14.47 21.32 12.75
C GLY A 767 13.82 20.00 13.10
N LYS A 768 13.98 19.00 12.24
CA LYS A 768 13.30 17.72 12.40
C LYS A 768 14.25 16.58 12.11
N LEU A 769 14.11 15.50 12.87
CA LEU A 769 14.70 14.22 12.52
C LEU A 769 13.69 13.42 11.71
N PHE A 770 14.18 12.45 10.95
CA PHE A 770 13.34 11.68 10.05
C PHE A 770 13.59 10.19 10.24
N LEU A 771 12.50 9.43 10.32
CA LEU A 771 12.54 7.99 10.55
C LEU A 771 11.86 7.28 9.38
N GLY A 772 12.51 6.26 8.84
CA GLY A 772 11.97 5.46 7.76
C GLY A 772 11.57 4.08 8.28
N VAL A 773 10.41 3.61 7.84
CA VAL A 773 9.83 2.37 8.33
C VAL A 773 9.38 1.52 7.14
N GLY A 774 9.72 0.23 7.18
CA GLY A 774 9.15 -0.74 6.28
C GLY A 774 8.41 -1.80 7.07
N SER A 775 7.36 -2.35 6.47
CA SER A 775 6.51 -3.29 7.19
C SER A 775 5.86 -4.26 6.22
N SER A 776 5.46 -5.41 6.77
CA SER A 776 4.56 -6.32 6.06
C SER A 776 3.23 -5.66 5.73
N ASP A 777 2.96 -4.49 6.31
CA ASP A 777 1.87 -3.60 5.93
C ASP A 777 1.67 -3.52 4.42
N LEU A 778 2.76 -3.68 3.67
CA LEU A 778 2.92 -3.36 2.25
C LEU A 778 3.46 -1.94 2.13
N SER A 779 3.62 -1.23 3.24
CA SER A 779 3.87 0.20 3.22
C SER A 779 5.33 0.53 3.50
N THR A 780 5.74 1.70 3.01
CA THR A 780 6.96 2.37 3.44
C THR A 780 6.54 3.73 3.96
N ARG A 781 6.88 4.03 5.21
CA ARG A 781 6.37 5.22 5.88
C ARG A 781 7.53 6.09 6.36
N ILE A 782 7.27 7.40 6.41
CA ILE A 782 8.22 8.38 6.91
C ILE A 782 7.58 9.07 8.10
N TYR A 783 8.37 9.30 9.15
CA TYR A 783 7.94 10.07 10.31
C TYR A 783 8.98 11.13 10.62
N SER A 784 8.52 12.22 11.22
CA SER A 784 9.41 13.28 11.68
C SER A 784 9.34 13.40 13.18
N LEU A 785 10.42 13.90 13.77
CA LEU A 785 10.49 14.17 15.21
C LEU A 785 11.11 15.55 15.39
N ALA A 786 10.40 16.43 16.09
CA ALA A 786 10.83 17.80 16.30
C ALA A 786 11.62 17.90 17.60
N TYR A 787 12.86 18.39 17.52
CA TYR A 787 13.70 18.58 18.69
C TYR A 787 14.02 20.05 18.93
N GLU A 788 14.55 20.74 17.92
CA GLU A 788 14.91 22.15 18.04
C GLU A 788 14.97 22.80 16.66
#